data_7ZWA
#
_entry.id   7ZWA
#
_cell.length_a   1.00
_cell.length_b   1.00
_cell.length_c   1.00
_cell.angle_alpha   90.00
_cell.angle_beta   90.00
_cell.angle_gamma   90.00
#
_symmetry.space_group_name_H-M   'P 1'
#
loop_
_entity.id
_entity.type
_entity.pdbx_description
1 polymer 'X-ray repair cross-complementing protein 6'
2 polymer 'X-ray repair cross-complementing protein 5'
3 polymer 'Protein PAXX'
4 polymer "DNA (5'-D(P*GP*AP*TP*CP*CP*CP*TP*CP*TP*AP*GP*AP*TP*AP*T)-3')"
5 polymer "DNA (5'-D(P*CP*GP*AP*TP*AP*TP*CP*TP*AP*GP*AP*GP*GP*GP*AP*TP*C)-3')"
6 non-polymer 'PHOSPHATE ION'
#
loop_
_entity_poly.entity_id
_entity_poly.type
_entity_poly.pdbx_seq_one_letter_code
_entity_poly.pdbx_strand_id
1 'polypeptide(L)'
;MSGWESYYKTEGDEEAEEEQEENLEASGDYKYSGRDSLIFLVDASKAMFESQSEDELTPFDMSIQCIQSVYISKIISSDR
DLLAVVFYGTEKDKNSVNFKNIYVLQELDNPGAKRILELDQFKGQQGQKRFQDMMGHGSDYSLSEVLWVCANLFSDVQFK
MSHKRIMLFTNEDNPHGNDSAKASRARTKAGDLRDTGIFLDLMHLKKPGGFDISLFYRDIISIAEDEDLRVHFEESSKLE
DLLRKVRAKETRKRALSRLKLKLNKDIVISVGIYNLVQKALKPPPIKLYRETNEPVKTKTRTFNTSTGGLLLPSDTKRSQ
IYGSRQIILEKEETEELKRFDDPGLMLMGFKPLVLLKKHHYLRPSLFVYPEESLVIGSSTLFSALLIKCLEKEVAALCRY
TPRRNIPPYFVALVPQEEELDDQKIQVTPPGFQLVFLPFADDKRKMPFTEKIMATPEQVGKMKAIVEKLRFTYRSDSFEN
PVLQQHFRNLEALALDLMEPEQAVDLTLPKVEAMNKRLGSLVDEFKELVYPPDYNPEGKVTKRKHDNEGSGSKRPKVEYS
EEELKTHISKGTLGKFTVPMLKEACRAYGLKSGLKKQELLEALTKHFQD
;
A
2 'polypeptide(L)'
;MVRSGNKAAVVLCMDVGFTMSNSIPGIESPFEQAKKVITMFVQRQVFAENKDEIALVLFGTDGTDNPLSGGDQYQNITVH
RHLMLPDFDLLEDIESKIQPGSQQADFLDALIVSMDVIQHETIGKKFEKRHIEIFTDLSSRFSKSQLDIIIHSLKKCDIS
LQFFLPFSLGKEDGSGDRGDGPFRLGGHGPSFPLKGITEQQKEGLEIVKMVMISLEGEDGLDEIYSFSESLRKLCVFKKI
ERHSIHWPCRLTIGSNLSIRIAAYKSILQERVKKTWTVVDAKTLKKEDIQKETVYCLNDDDETEVLKEDIIQGFRYGSDI
VPFSKVDEEQMKYKSEGKCFSVLGFCKSSQVQRRFFMGNQVLKVFAARDDEAAAVALSSLIHALDDLDMVAIVRYAYDKR
ANPQVGVAFPHIKHNYECLVYVQLPFMEDLRQYMFSSLKNSKKYAPTEAQLNAVDALIDSMSLAKKDEKTDTLEDLFPTT
KIPNPRFQRLFQCLLHRALHPREPLPPIQQHIWNMLNPPAEVTTKSQIPLSKIKTLFPLIEAKKKDQVTAQEIFQDNHED
GPTAKKLKTEQGGAHFSVSSLAEGSVTSVGSVNPAENFRVLVKQKKASFEEASNQLINHIEQFLDTNETPYFMKSIDCIR
AFREEAIKFSEEQRFNNFLKALQEKVEIKQLNHFWEIVVQDGITLITKEEASGSSVTAEEAKKFLAPKDKPSGDTAAVFE
EGGDVDDLLDMI
;
B
3 'polypeptide(L)'
;MDPLSPPLCTLPPGPEPPRFVCYCEGEESGEGDRGGFNLYVTDAAELWSTCFTPDSLAALKARFGLSAAEDITPRFRAAC
EQQAVALTLQEDRASLTLSGGPSALAFDLSKVPGPEAAPRLRALTLGLAKRVWSLERRLAAAEETAVSPRKSPRPAGPQL
FLPDPDPQRGGPGPGVRRRCPGESLINPGFKSKKPAGGVDFDET
;
C
4 'polydeoxyribonucleotide' (DG)(DA)(DT)(DC)(DC)(DC)(DT)(DC)(DT)(DA)(DG)(DA)(DT)(DA)(DT) D
5 'polydeoxyribonucleotide' (DG)(DA)(DT)(DA)(DT)(DC)(DT)(DA)(DG)(DA)(DG)(DG)(DG)(DA)(DT)(DC) E
#
loop_
_chem_comp.id
_chem_comp.type
_chem_comp.name
_chem_comp.formula
DA DNA linking 2'-DEOXYADENOSINE-5'-MONOPHOSPHATE 'C10 H14 N5 O6 P'
DC DNA linking 2'-DEOXYCYTIDINE-5'-MONOPHOSPHATE 'C9 H14 N3 O7 P'
DG DNA linking 2'-DEOXYGUANOSINE-5'-MONOPHOSPHATE 'C10 H14 N5 O7 P'
DT DNA linking THYMIDINE-5'-MONOPHOSPHATE 'C10 H15 N2 O8 P'
PO4 non-polymer 'PHOSPHATE ION' 'O4 P -3'
#
# COMPACT_ATOMS: atom_id res chain seq x y z
N TYR A 32 0.42 4.38 -24.01
CA TYR A 32 0.13 5.81 -24.13
C TYR A 32 -1.20 6.04 -24.84
N SER A 33 -1.38 5.33 -25.96
CA SER A 33 -2.58 5.41 -26.78
C SER A 33 -2.84 6.81 -27.31
N GLY A 34 -1.81 7.65 -27.37
CA GLY A 34 -1.93 8.98 -27.92
C GLY A 34 -2.28 10.04 -26.87
N ARG A 35 -2.13 11.29 -27.27
CA ARG A 35 -2.44 12.42 -26.42
C ARG A 35 -3.84 12.94 -26.70
N ASP A 36 -4.17 14.09 -26.10
CA ASP A 36 -5.45 14.74 -26.27
C ASP A 36 -5.24 16.12 -26.88
N SER A 37 -6.08 16.47 -27.85
CA SER A 37 -6.01 17.76 -28.53
C SER A 37 -7.37 18.43 -28.48
N LEU A 38 -7.36 19.73 -28.19
CA LEU A 38 -8.59 20.51 -28.07
C LEU A 38 -8.38 21.87 -28.71
N ILE A 39 -9.34 22.29 -29.52
CA ILE A 39 -9.32 23.59 -30.18
C ILE A 39 -10.55 24.37 -29.74
N PHE A 40 -10.32 25.58 -29.23
CA PHE A 40 -11.40 26.44 -28.79
C PHE A 40 -11.77 27.41 -29.90
N LEU A 41 -12.99 27.27 -30.42
CA LEU A 41 -13.49 28.08 -31.52
C LEU A 41 -14.46 29.10 -30.94
N VAL A 42 -14.08 30.38 -30.98
CA VAL A 42 -14.88 31.46 -30.40
C VAL A 42 -15.26 32.43 -31.51
N ASP A 43 -16.57 32.67 -31.64
CA ASP A 43 -17.07 33.64 -32.59
C ASP A 43 -16.78 35.05 -32.13
N ALA A 44 -16.56 35.95 -33.08
CA ALA A 44 -16.25 37.35 -32.79
C ALA A 44 -17.25 38.27 -33.48
N SER A 45 -18.52 37.87 -33.50
CA SER A 45 -19.56 38.70 -34.09
C SER A 45 -19.93 39.84 -33.14
N LYS A 46 -20.59 40.86 -33.70
CA LYS A 46 -21.00 42.00 -32.89
C LYS A 46 -22.08 41.62 -31.89
N ALA A 47 -22.91 40.62 -32.24
CA ALA A 47 -24.01 40.22 -31.37
C ALA A 47 -23.52 39.57 -30.08
N MET A 48 -22.29 39.06 -30.05
CA MET A 48 -21.77 38.44 -28.84
C MET A 48 -21.33 39.45 -27.79
N PHE A 49 -21.05 40.68 -28.20
CA PHE A 49 -20.52 41.69 -27.30
C PHE A 49 -21.59 42.40 -26.48
N GLU A 50 -22.86 42.16 -26.77
CA GLU A 50 -23.95 42.75 -26.01
C GLU A 50 -24.45 41.77 -24.95
N SER A 51 -25.13 42.32 -23.95
CA SER A 51 -25.69 41.53 -22.86
C SER A 51 -27.19 41.75 -22.79
N GLN A 52 -27.94 40.66 -22.59
CA GLN A 52 -29.39 40.75 -22.47
C GLN A 52 -29.77 41.61 -21.27
N SER A 53 -29.37 41.19 -20.07
CA SER A 53 -29.55 41.96 -18.86
C SER A 53 -28.24 42.64 -18.47
N GLU A 54 -28.22 43.30 -17.33
CA GLU A 54 -27.03 43.96 -16.83
C GLU A 54 -26.39 43.28 -15.63
N ASP A 55 -27.10 42.35 -14.99
CA ASP A 55 -26.56 41.61 -13.86
C ASP A 55 -25.90 40.30 -14.27
N GLU A 56 -25.86 39.98 -15.56
CA GLU A 56 -25.29 38.75 -16.06
C GLU A 56 -23.93 39.04 -16.72
N LEU A 57 -23.35 38.01 -17.31
CA LEU A 57 -22.03 38.09 -17.92
C LEU A 57 -22.14 37.95 -19.42
N THR A 58 -21.41 38.79 -20.16
CA THR A 58 -21.52 38.79 -21.61
C THR A 58 -20.95 37.49 -22.18
N PRO A 59 -21.52 37.00 -23.29
CA PRO A 59 -21.10 35.69 -23.81
C PRO A 59 -19.61 35.61 -24.13
N PHE A 60 -19.01 36.67 -24.66
CA PHE A 60 -17.62 36.60 -25.07
C PHE A 60 -16.70 36.32 -23.88
N ASP A 61 -16.79 37.15 -22.84
CA ASP A 61 -15.91 36.94 -21.70
C ASP A 61 -16.34 35.74 -20.87
N MET A 62 -17.61 35.33 -20.95
CA MET A 62 -18.02 34.09 -20.29
C MET A 62 -17.33 32.89 -20.93
N SER A 63 -17.27 32.85 -22.26
CA SER A 63 -16.51 31.81 -22.94
C SER A 63 -15.02 31.94 -22.65
N ILE A 64 -14.54 33.17 -22.49
CA ILE A 64 -13.14 33.37 -22.11
C ILE A 64 -12.87 32.72 -20.76
N GLN A 65 -13.77 32.92 -19.80
CA GLN A 65 -13.64 32.27 -18.49
C GLN A 65 -13.73 30.76 -18.62
N CYS A 66 -14.58 30.27 -19.51
CA CYS A 66 -14.65 28.84 -19.77
C CYS A 66 -13.29 28.30 -20.18
N ILE A 67 -12.64 28.97 -21.13
CA ILE A 67 -11.34 28.50 -21.63
C ILE A 67 -10.29 28.63 -20.54
N GLN A 68 -10.37 29.68 -19.72
CA GLN A 68 -9.45 29.81 -18.59
C GLN A 68 -9.58 28.62 -17.65
N SER A 69 -10.82 28.23 -17.33
CA SER A 69 -11.04 27.08 -16.47
C SER A 69 -10.50 25.80 -17.09
N VAL A 70 -10.70 25.63 -18.40
CA VAL A 70 -10.21 24.43 -19.06
C VAL A 70 -8.69 24.38 -19.02
N TYR A 71 -8.02 25.51 -19.28
CA TYR A 71 -6.56 25.54 -19.18
C TYR A 71 -6.09 25.21 -17.78
N ILE A 72 -6.73 25.77 -16.75
CA ILE A 72 -6.31 25.48 -15.39
C ILE A 72 -6.49 24.00 -15.08
N SER A 73 -7.64 23.43 -15.47
CA SER A 73 -7.90 22.02 -15.21
C SER A 73 -6.90 21.13 -15.94
N LYS A 74 -6.59 21.44 -17.20
CA LYS A 74 -5.63 20.63 -17.94
C LYS A 74 -4.24 20.73 -17.35
N ILE A 75 -3.82 21.92 -16.93
CA ILE A 75 -2.51 22.07 -16.32
C ILE A 75 -2.43 21.26 -15.03
N ILE A 76 -3.47 21.32 -14.21
CA ILE A 76 -3.45 20.54 -12.97
C ILE A 76 -3.45 19.05 -13.26
N SER A 77 -4.28 18.60 -14.19
CA SER A 77 -4.51 17.18 -14.40
C SER A 77 -3.66 16.58 -15.51
N SER A 78 -3.82 17.08 -16.73
CA SER A 78 -3.32 16.42 -17.94
C SER A 78 -2.46 17.37 -18.77
N ASP A 79 -1.49 18.01 -18.10
CA ASP A 79 -0.67 19.04 -18.72
C ASP A 79 -0.01 18.59 -20.02
N ARG A 80 0.06 17.29 -20.28
CA ARG A 80 0.66 16.80 -21.54
C ARG A 80 -0.37 16.67 -22.64
N ASP A 81 -1.14 17.73 -22.88
CA ASP A 81 -2.11 17.80 -23.96
C ASP A 81 -1.88 19.06 -24.77
N LEU A 82 -2.70 19.23 -25.81
CA LEU A 82 -2.57 20.33 -26.75
C LEU A 82 -3.86 21.14 -26.74
N LEU A 83 -3.74 22.45 -26.54
CA LEU A 83 -4.87 23.35 -26.49
C LEU A 83 -4.60 24.56 -27.40
N ALA A 84 -5.64 25.05 -28.06
CA ALA A 84 -5.52 26.17 -28.97
C ALA A 84 -6.80 27.01 -28.94
N VAL A 85 -6.67 28.29 -29.25
CA VAL A 85 -7.78 29.21 -29.32
C VAL A 85 -7.73 29.92 -30.68
N VAL A 86 -8.82 29.87 -31.42
CA VAL A 86 -8.92 30.53 -32.72
C VAL A 86 -10.21 31.35 -32.76
N PHE A 87 -10.12 32.55 -33.31
CA PHE A 87 -11.25 33.47 -33.42
C PHE A 87 -11.62 33.65 -34.89
N TYR A 88 -12.92 33.70 -35.17
CA TYR A 88 -13.41 33.94 -36.51
C TYR A 88 -14.45 35.05 -36.49
N GLY A 89 -14.63 35.68 -37.64
CA GLY A 89 -15.46 36.86 -37.74
C GLY A 89 -14.73 38.14 -37.38
N THR A 90 -13.46 38.24 -37.77
CA THR A 90 -12.61 39.36 -37.42
C THR A 90 -12.03 39.97 -38.70
N GLU A 91 -11.17 40.98 -38.52
CA GLU A 91 -10.52 41.65 -39.63
C GLU A 91 -9.10 41.16 -39.88
N LYS A 92 -8.29 41.02 -38.83
CA LYS A 92 -6.92 40.55 -38.97
C LYS A 92 -6.89 39.03 -39.16
N ASP A 93 -5.72 38.51 -39.48
CA ASP A 93 -5.54 37.08 -39.67
C ASP A 93 -4.09 36.71 -39.46
N LYS A 94 -3.85 35.54 -38.86
CA LYS A 94 -2.49 35.07 -38.64
C LYS A 94 -2.32 33.59 -38.93
N ASN A 95 -3.34 32.90 -39.42
CA ASN A 95 -3.18 31.49 -39.77
C ASN A 95 -2.18 31.35 -40.91
N SER A 96 -1.33 30.32 -40.80
CA SER A 96 -0.23 30.16 -41.75
C SER A 96 -0.75 29.92 -43.16
N VAL A 97 -1.84 29.15 -43.29
CA VAL A 97 -2.40 28.86 -44.61
C VAL A 97 -3.08 30.06 -45.24
N ASN A 98 -3.14 31.19 -44.52
CA ASN A 98 -3.49 32.50 -45.09
C ASN A 98 -4.91 32.53 -45.67
N PHE A 99 -5.89 32.37 -44.79
CA PHE A 99 -7.28 32.67 -45.12
C PHE A 99 -7.79 33.84 -44.28
N LYS A 100 -8.91 34.41 -44.73
CA LYS A 100 -9.37 35.70 -44.24
C LYS A 100 -10.30 35.56 -43.04
N ASN A 101 -10.32 36.61 -42.22
CA ASN A 101 -11.27 36.75 -41.10
C ASN A 101 -11.11 35.65 -40.06
N ILE A 102 -9.92 35.06 -39.98
CA ILE A 102 -9.64 34.02 -39.00
C ILE A 102 -8.33 34.34 -38.31
N TYR A 103 -8.37 34.45 -36.98
CA TYR A 103 -7.18 34.74 -36.17
C TYR A 103 -6.88 33.52 -35.33
N VAL A 104 -5.70 32.93 -35.52
CA VAL A 104 -5.25 31.80 -34.71
C VAL A 104 -4.41 32.40 -33.59
N LEU A 105 -5.06 32.66 -32.44
CA LEU A 105 -4.38 33.26 -31.30
C LEU A 105 -3.33 32.32 -30.73
N GLN A 106 -3.64 31.04 -30.59
CA GLN A 106 -2.75 30.07 -29.98
C GLN A 106 -2.69 28.81 -30.83
N GLU A 107 -1.51 28.22 -30.94
CA GLU A 107 -1.33 26.99 -31.68
C GLU A 107 -1.57 25.79 -30.76
N LEU A 108 -1.64 24.60 -31.35
CA LEU A 108 -1.76 23.37 -30.58
C LEU A 108 -0.46 23.15 -29.83
N ASP A 109 -0.48 23.38 -28.51
CA ASP A 109 0.70 23.23 -27.68
C ASP A 109 0.24 22.99 -26.25
N ASN A 110 1.20 22.66 -25.39
CA ASN A 110 0.88 22.40 -23.99
C ASN A 110 0.39 23.67 -23.30
N PRO A 111 -0.60 23.55 -22.42
CA PRO A 111 -1.10 24.73 -21.72
C PRO A 111 -0.04 25.32 -20.80
N GLY A 112 -0.12 26.64 -20.61
CA GLY A 112 0.86 27.32 -19.80
C GLY A 112 0.30 28.59 -19.20
N ALA A 113 0.99 29.06 -18.16
CA ALA A 113 0.59 30.31 -17.51
C ALA A 113 0.69 31.48 -18.46
N LYS A 114 1.66 31.44 -19.37
CA LYS A 114 1.77 32.51 -20.37
C LYS A 114 0.53 32.57 -21.25
N ARG A 115 0.06 31.41 -21.73
CA ARG A 115 -1.15 31.38 -22.53
C ARG A 115 -2.37 31.80 -21.71
N ILE A 116 -2.43 31.39 -20.45
CA ILE A 116 -3.55 31.77 -19.60
C ILE A 116 -3.60 33.29 -19.44
N LEU A 117 -2.46 33.91 -19.18
CA LEU A 117 -2.42 35.37 -19.05
C LEU A 117 -2.73 36.05 -20.38
N GLU A 118 -2.21 35.49 -21.49
CA GLU A 118 -2.49 36.07 -22.80
C GLU A 118 -3.99 36.09 -23.09
N LEU A 119 -4.68 35.01 -22.74
CA LEU A 119 -6.13 35.00 -22.97
C LEU A 119 -6.85 35.84 -21.92
N ASP A 120 -6.31 35.92 -20.70
CA ASP A 120 -6.83 36.82 -19.68
C ASP A 120 -6.71 38.28 -20.07
N GLN A 121 -5.85 38.59 -21.04
CA GLN A 121 -5.74 39.96 -21.54
C GLN A 121 -7.06 40.45 -22.11
N PHE A 122 -7.95 39.53 -22.46
CA PHE A 122 -9.24 39.85 -23.08
C PHE A 122 -10.40 39.54 -22.14
N LYS A 123 -10.25 39.85 -20.86
CA LYS A 123 -11.21 39.45 -19.83
C LYS A 123 -12.18 40.59 -19.55
N GLY A 124 -13.38 40.48 -20.12
CA GLY A 124 -14.49 41.35 -19.77
C GLY A 124 -14.30 42.83 -19.98
N GLN A 125 -14.27 43.59 -18.89
CA GLN A 125 -14.12 45.03 -18.97
C GLN A 125 -12.71 45.41 -19.37
N GLN A 126 -12.62 46.28 -20.39
CA GLN A 126 -11.40 46.71 -21.07
C GLN A 126 -10.82 45.55 -21.87
N GLY A 127 -11.28 44.34 -21.61
CA GLY A 127 -10.90 43.21 -22.43
C GLY A 127 -11.61 43.29 -23.76
N GLN A 128 -12.88 43.70 -23.70
CA GLN A 128 -13.65 43.91 -24.93
C GLN A 128 -13.03 45.03 -25.77
N LYS A 129 -12.62 46.12 -25.14
CA LYS A 129 -11.99 47.22 -25.88
C LYS A 129 -10.65 46.80 -26.48
N ARG A 130 -9.82 46.07 -25.72
CA ARG A 130 -8.56 45.59 -26.27
C ARG A 130 -8.78 44.61 -27.41
N PHE A 131 -9.78 43.74 -27.29
CA PHE A 131 -10.11 42.83 -28.39
C PHE A 131 -10.52 43.61 -29.63
N GLN A 132 -11.41 44.60 -29.48
CA GLN A 132 -11.84 45.40 -30.61
C GLN A 132 -10.71 46.22 -31.21
N ASP A 133 -9.74 46.64 -30.41
CA ASP A 133 -8.59 47.39 -30.90
C ASP A 133 -7.56 46.53 -31.60
N MET A 134 -7.38 45.28 -31.17
CA MET A 134 -6.34 44.44 -31.74
C MET A 134 -6.84 43.57 -32.89
N MET A 135 -8.10 43.12 -32.86
CA MET A 135 -8.69 42.43 -34.00
C MET A 135 -10.05 43.06 -34.28
N GLY A 136 -10.50 42.98 -35.53
CA GLY A 136 -11.83 43.48 -35.86
C GLY A 136 -12.92 42.55 -35.36
N HIS A 137 -14.15 43.05 -35.46
CA HIS A 137 -15.32 42.26 -35.09
C HIS A 137 -16.50 42.68 -35.94
N GLY A 138 -17.45 41.77 -36.10
CA GLY A 138 -18.63 42.00 -36.92
C GLY A 138 -18.44 41.70 -38.40
N SER A 139 -17.23 41.33 -38.82
CA SER A 139 -16.99 41.01 -40.21
C SER A 139 -17.55 39.64 -40.57
N ASP A 140 -17.71 39.43 -41.88
CA ASP A 140 -18.24 38.16 -42.36
C ASP A 140 -17.22 37.04 -42.19
N TYR A 141 -17.73 35.81 -42.14
CA TYR A 141 -16.88 34.64 -41.93
C TYR A 141 -17.46 33.47 -42.71
N SER A 142 -16.62 32.45 -42.93
CA SER A 142 -17.02 31.24 -43.63
C SER A 142 -16.75 30.04 -42.73
N LEU A 143 -17.79 29.26 -42.46
CA LEU A 143 -17.64 28.08 -41.62
C LEU A 143 -16.73 27.04 -42.25
N SER A 144 -16.83 26.86 -43.57
CA SER A 144 -15.93 25.93 -44.25
C SER A 144 -14.48 26.40 -44.15
N GLU A 145 -14.27 27.71 -44.27
CA GLU A 145 -12.94 28.29 -44.10
C GLU A 145 -12.41 28.01 -42.69
N VAL A 146 -13.26 28.21 -41.69
CA VAL A 146 -12.86 27.97 -40.30
C VAL A 146 -12.52 26.51 -40.09
N LEU A 147 -13.33 25.60 -40.65
CA LEU A 147 -13.08 24.18 -40.48
C LEU A 147 -11.81 23.74 -41.20
N TRP A 148 -11.52 24.34 -42.37
CA TRP A 148 -10.24 24.09 -43.02
C TRP A 148 -9.08 24.53 -42.15
N VAL A 149 -9.21 25.70 -41.52
CA VAL A 149 -8.16 26.19 -40.62
C VAL A 149 -7.97 25.21 -39.46
N CYS A 150 -9.06 24.74 -38.86
CA CYS A 150 -8.95 23.78 -37.77
C CYS A 150 -8.31 22.48 -38.23
N ALA A 151 -8.67 22.01 -39.42
CA ALA A 151 -8.12 20.75 -39.92
C ALA A 151 -6.61 20.86 -40.15
N ASN A 152 -6.17 21.91 -40.84
CA ASN A 152 -4.73 22.03 -41.09
C ASN A 152 -3.98 22.34 -39.81
N LEU A 153 -4.61 23.03 -38.86
CA LEU A 153 -3.98 23.30 -37.58
C LEU A 153 -3.78 22.01 -36.79
N PHE A 154 -4.76 21.09 -36.86
CA PHE A 154 -4.56 19.76 -36.31
C PHE A 154 -3.43 19.03 -37.03
N SER A 155 -3.40 19.14 -38.36
CA SER A 155 -2.42 18.38 -39.14
C SER A 155 -0.99 18.87 -38.90
N ASP A 156 -0.84 20.14 -38.51
CA ASP A 156 0.51 20.70 -38.37
C ASP A 156 1.32 19.99 -37.30
N VAL A 157 0.70 19.70 -36.15
CA VAL A 157 1.44 19.10 -35.04
C VAL A 157 1.74 17.63 -35.36
N GLN A 158 2.96 17.20 -35.03
CA GLN A 158 3.43 15.86 -35.35
C GLN A 158 3.17 14.84 -34.25
N PHE A 159 2.63 15.25 -33.11
CA PHE A 159 2.38 14.32 -32.02
C PHE A 159 1.24 13.37 -32.38
N LYS A 160 1.26 12.20 -31.74
CA LYS A 160 0.21 11.20 -31.92
C LYS A 160 -0.87 11.45 -30.87
N MET A 161 -2.08 11.73 -31.33
CA MET A 161 -3.16 12.18 -30.46
C MET A 161 -4.32 11.18 -30.51
N SER A 162 -4.90 10.89 -29.35
CA SER A 162 -6.03 9.99 -29.27
C SER A 162 -7.34 10.64 -29.71
N HIS A 163 -7.55 11.90 -29.36
CA HIS A 163 -8.82 12.58 -29.61
C HIS A 163 -8.58 13.89 -30.35
N LYS A 164 -9.46 14.17 -31.30
CA LYS A 164 -9.44 15.41 -32.08
C LYS A 164 -10.77 16.12 -31.84
N ARG A 165 -10.80 17.00 -30.86
CA ARG A 165 -12.02 17.69 -30.44
C ARG A 165 -11.88 19.19 -30.63
N ILE A 166 -12.95 19.81 -31.14
CA ILE A 166 -13.03 21.26 -31.24
C ILE A 166 -14.34 21.70 -30.60
N MET A 167 -14.27 22.75 -29.78
CA MET A 167 -15.44 23.31 -29.13
C MET A 167 -15.76 24.66 -29.76
N LEU A 168 -17.00 24.81 -30.23
CA LEU A 168 -17.42 25.97 -30.99
C LEU A 168 -18.32 26.83 -30.10
N PHE A 169 -17.98 28.12 -29.99
CA PHE A 169 -18.70 29.05 -29.13
C PHE A 169 -19.41 30.08 -30.01
N THR A 170 -20.73 30.00 -30.05
CA THR A 170 -21.54 31.01 -30.73
C THR A 170 -22.97 30.93 -30.20
N ASN A 171 -23.75 31.97 -30.53
CA ASN A 171 -25.16 31.97 -30.17
C ASN A 171 -26.05 32.49 -31.30
N GLU A 172 -25.68 32.25 -32.56
CA GLU A 172 -26.54 32.58 -33.68
C GLU A 172 -26.23 31.63 -34.83
N ASP A 173 -27.13 31.61 -35.80
CA ASP A 173 -26.90 30.83 -37.03
C ASP A 173 -27.33 31.59 -38.28
N ASN A 174 -27.69 32.88 -38.16
CA ASN A 174 -28.17 33.64 -39.30
C ASN A 174 -27.13 33.85 -40.41
N PRO A 175 -25.90 34.30 -40.12
CA PRO A 175 -25.02 34.74 -41.22
C PRO A 175 -24.75 33.69 -42.29
N HIS A 176 -24.59 32.43 -41.89
CA HIS A 176 -24.34 31.37 -42.87
C HIS A 176 -25.62 30.81 -43.48
N GLY A 177 -26.79 31.14 -42.94
CA GLY A 177 -28.04 30.71 -43.53
C GLY A 177 -28.49 31.50 -44.73
N ASN A 178 -27.84 32.64 -45.01
CA ASN A 178 -28.23 33.45 -46.15
C ASN A 178 -27.77 32.83 -47.47
N ASP A 179 -26.57 32.26 -47.49
CA ASP A 179 -25.99 31.67 -48.70
C ASP A 179 -26.02 30.16 -48.55
N SER A 180 -26.97 29.53 -49.26
CA SER A 180 -27.09 28.08 -49.21
C SER A 180 -25.87 27.38 -49.78
N ALA A 181 -25.18 28.01 -50.74
CA ALA A 181 -23.98 27.41 -51.30
C ALA A 181 -22.90 27.26 -50.24
N LYS A 182 -22.60 28.33 -49.51
CA LYS A 182 -21.58 28.24 -48.46
C LYS A 182 -22.08 27.42 -47.28
N ALA A 183 -23.38 27.39 -47.03
CA ALA A 183 -23.91 26.49 -46.00
C ALA A 183 -23.64 25.03 -46.36
N SER A 184 -23.88 24.66 -47.62
CA SER A 184 -23.61 23.30 -48.07
C SER A 184 -22.10 23.00 -48.05
N ARG A 185 -21.29 23.99 -48.40
CA ARG A 185 -19.84 23.80 -48.34
C ARG A 185 -19.39 23.55 -46.90
N ALA A 186 -19.94 24.30 -45.95
CA ALA A 186 -19.63 24.05 -44.54
C ALA A 186 -20.11 22.69 -44.09
N ARG A 187 -21.27 22.26 -44.58
CA ARG A 187 -21.76 20.92 -44.25
C ARG A 187 -20.82 19.83 -44.77
N THR A 188 -20.33 19.97 -46.00
CA THR A 188 -19.35 19.00 -46.50
C THR A 188 -18.05 19.05 -45.71
N LYS A 189 -17.64 20.25 -45.28
CA LYS A 189 -16.46 20.35 -44.43
C LYS A 189 -16.66 19.61 -43.11
N ALA A 190 -17.83 19.76 -42.48
CA ALA A 190 -18.11 18.99 -41.28
C ALA A 190 -18.13 17.49 -41.58
N GLY A 191 -18.67 17.12 -42.74
CA GLY A 191 -18.73 15.71 -43.09
C GLY A 191 -17.37 15.07 -43.22
N ASP A 192 -16.45 15.71 -43.95
CA ASP A 192 -15.14 15.08 -44.14
C ASP A 192 -14.27 15.24 -42.90
N LEU A 193 -14.53 16.26 -42.08
CA LEU A 193 -13.89 16.31 -40.76
C LEU A 193 -14.35 15.15 -39.88
N ARG A 194 -15.65 14.84 -39.91
CA ARG A 194 -16.16 13.70 -39.17
C ARG A 194 -15.56 12.39 -39.69
N ASP A 195 -15.41 12.28 -41.02
CA ASP A 195 -14.76 11.12 -41.59
C ASP A 195 -13.31 10.99 -41.13
N THR A 196 -12.60 12.13 -41.05
CA THR A 196 -11.23 12.11 -40.54
C THR A 196 -11.20 11.70 -39.07
N GLY A 197 -12.17 12.15 -38.29
CA GLY A 197 -12.22 11.85 -36.88
C GLY A 197 -12.22 13.07 -36.00
N ILE A 198 -12.69 14.20 -36.53
CA ILE A 198 -12.78 15.44 -35.78
C ILE A 198 -14.07 15.45 -34.97
N PHE A 199 -13.94 15.53 -33.65
CA PHE A 199 -15.09 15.46 -32.74
C PHE A 199 -15.55 16.88 -32.45
N LEU A 200 -16.43 17.38 -33.31
CA LEU A 200 -16.85 18.79 -33.27
C LEU A 200 -17.97 18.95 -32.27
N ASP A 201 -17.73 19.74 -31.22
CA ASP A 201 -18.74 20.02 -30.21
C ASP A 201 -19.43 21.35 -30.46
N LEU A 202 -20.61 21.49 -29.88
CA LEU A 202 -21.40 22.71 -29.93
C LEU A 202 -21.67 23.19 -28.52
N MET A 203 -21.53 24.50 -28.30
CA MET A 203 -21.76 25.11 -27.00
C MET A 203 -22.93 26.06 -27.12
N HIS A 204 -24.08 25.68 -26.55
CA HIS A 204 -25.26 26.52 -26.57
C HIS A 204 -25.00 27.76 -25.73
N LEU A 205 -24.72 28.89 -26.38
CA LEU A 205 -24.30 30.11 -25.69
C LEU A 205 -25.51 31.02 -25.50
N LYS A 206 -25.33 32.05 -24.67
CA LYS A 206 -26.43 32.95 -24.31
C LYS A 206 -26.95 33.65 -25.55
N LYS A 207 -28.18 33.32 -25.95
CA LYS A 207 -28.82 33.89 -27.11
C LYS A 207 -29.95 34.84 -26.69
N PRO A 208 -30.20 35.90 -27.47
CA PRO A 208 -31.27 36.84 -27.12
C PRO A 208 -32.65 36.21 -27.16
N GLY A 209 -32.99 35.58 -28.28
CA GLY A 209 -34.30 35.00 -28.45
C GLY A 209 -34.27 33.52 -28.79
N GLY A 210 -33.27 32.82 -28.30
CA GLY A 210 -33.14 31.40 -28.56
C GLY A 210 -32.07 31.12 -29.62
N PHE A 211 -31.45 29.95 -29.52
CA PHE A 211 -30.38 29.59 -30.44
C PHE A 211 -30.96 29.18 -31.79
N ASP A 212 -32.19 28.65 -31.80
CA ASP A 212 -32.84 28.14 -33.00
C ASP A 212 -32.03 26.99 -33.61
N ILE A 213 -31.97 25.90 -32.87
CA ILE A 213 -31.28 24.67 -33.27
C ILE A 213 -32.13 24.01 -34.35
N SER A 214 -31.60 22.95 -34.98
CA SER A 214 -32.27 22.12 -35.98
C SER A 214 -32.33 22.76 -37.36
N LEU A 215 -31.49 23.77 -37.61
CA LEU A 215 -31.33 24.32 -38.95
C LEU A 215 -29.93 24.05 -39.50
N PHE A 216 -28.89 24.44 -38.76
CA PHE A 216 -27.51 24.28 -39.20
C PHE A 216 -26.65 23.59 -38.15
N TYR A 217 -26.74 24.02 -36.90
CA TYR A 217 -25.86 23.50 -35.87
C TYR A 217 -26.31 22.16 -35.32
N ARG A 218 -27.53 21.70 -35.64
CA ARG A 218 -27.92 20.35 -35.27
C ARG A 218 -27.23 19.31 -36.15
N ASP A 219 -27.19 19.54 -37.46
CA ASP A 219 -26.56 18.59 -38.37
C ASP A 219 -25.14 18.96 -38.75
N ILE A 220 -24.60 20.06 -38.22
CA ILE A 220 -23.19 20.36 -38.45
C ILE A 220 -22.29 19.62 -37.47
N ILE A 221 -22.86 19.11 -36.36
CA ILE A 221 -22.10 18.48 -35.29
C ILE A 221 -22.23 16.97 -35.41
N SER A 222 -21.42 16.27 -34.62
CA SER A 222 -21.49 14.81 -34.52
C SER A 222 -22.17 14.45 -33.21
N ILE A 223 -23.43 14.00 -33.31
CA ILE A 223 -24.22 13.63 -32.15
C ILE A 223 -24.89 12.29 -32.40
N ALA A 224 -25.21 11.59 -31.31
CA ALA A 224 -25.89 10.30 -31.43
C ALA A 224 -27.34 10.48 -31.84
N GLU A 225 -28.04 11.43 -31.23
CA GLU A 225 -29.43 11.71 -31.57
C GLU A 225 -29.73 13.15 -31.14
N ASP A 226 -30.97 13.57 -31.37
CA ASP A 226 -31.38 14.94 -31.07
C ASP A 226 -31.55 15.15 -29.57
N GLU A 227 -30.46 15.09 -28.82
CA GLU A 227 -30.52 15.39 -27.40
C GLU A 227 -30.92 16.84 -27.15
N ASP A 228 -30.37 17.76 -27.96
CA ASP A 228 -30.70 19.18 -27.86
C ASP A 228 -31.87 19.53 -28.78
N LEU A 229 -32.99 18.82 -28.55
CA LEU A 229 -34.18 19.02 -29.36
C LEU A 229 -34.98 20.25 -28.97
N ARG A 230 -34.72 20.83 -27.80
CA ARG A 230 -35.44 22.01 -27.35
C ARG A 230 -34.86 23.27 -27.98
N VAL A 231 -35.60 24.37 -27.85
CA VAL A 231 -35.12 25.65 -28.37
C VAL A 231 -33.99 26.22 -27.53
N HIS A 232 -33.85 25.78 -26.28
CA HIS A 232 -32.79 26.23 -25.38
C HIS A 232 -32.79 27.74 -25.20
N PHE A 233 -33.88 28.23 -24.60
CA PHE A 233 -33.94 29.63 -24.20
C PHE A 233 -32.94 29.95 -23.11
N GLU A 234 -32.55 28.96 -22.30
CA GLU A 234 -31.56 29.17 -21.26
C GLU A 234 -30.20 29.50 -21.87
N GLU A 235 -29.41 30.28 -21.13
CA GLU A 235 -28.15 30.77 -21.64
C GLU A 235 -27.05 29.71 -21.65
N SER A 236 -27.12 28.74 -20.73
CA SER A 236 -26.06 27.77 -20.55
C SER A 236 -26.63 26.36 -20.55
N SER A 237 -25.87 25.43 -21.14
CA SER A 237 -26.25 24.02 -21.17
C SER A 237 -25.27 23.15 -20.40
N LYS A 238 -23.97 23.22 -20.71
CA LYS A 238 -22.94 22.44 -20.05
C LYS A 238 -21.81 23.32 -19.52
N LEU A 239 -22.06 24.62 -19.39
CA LEU A 239 -21.00 25.54 -18.99
C LEU A 239 -20.67 25.38 -17.50
N GLU A 240 -21.63 24.92 -16.70
CA GLU A 240 -21.34 24.71 -15.28
C GLU A 240 -20.31 23.61 -15.07
N ASP A 241 -20.46 22.48 -15.76
CA ASP A 241 -19.46 21.44 -15.67
C ASP A 241 -18.25 21.70 -16.56
N LEU A 242 -18.34 22.67 -17.47
CA LEU A 242 -17.15 23.13 -18.17
C LEU A 242 -16.28 24.03 -17.28
N LEU A 243 -16.90 24.78 -16.37
CA LEU A 243 -16.19 25.63 -15.42
C LEU A 243 -15.78 24.89 -14.16
N ARG A 244 -16.43 23.77 -13.83
CA ARG A 244 -16.04 22.98 -12.66
C ARG A 244 -14.61 22.51 -12.85
N LYS A 245 -13.70 23.04 -12.04
CA LYS A 245 -12.29 22.73 -12.18
C LYS A 245 -11.99 21.30 -11.73
N VAL A 246 -10.91 20.75 -12.26
CA VAL A 246 -10.48 19.39 -11.96
C VAL A 246 -9.13 19.49 -11.26
N ARG A 247 -9.13 19.27 -9.94
CA ARG A 247 -7.90 19.28 -9.14
C ARG A 247 -7.53 17.84 -8.82
N ALA A 248 -6.83 17.20 -9.75
CA ALA A 248 -6.38 15.83 -9.57
C ALA A 248 -5.21 15.57 -10.50
N LYS A 249 -4.48 14.49 -10.21
CA LYS A 249 -3.34 14.12 -11.05
C LYS A 249 -3.80 13.50 -12.36
N GLU A 250 -4.89 12.72 -12.33
CA GLU A 250 -5.53 12.20 -13.53
C GLU A 250 -4.56 11.33 -14.34
N THR A 251 -4.17 10.22 -13.74
CA THR A 251 -3.22 9.31 -14.35
C THR A 251 -3.93 8.32 -15.28
N ARG A 252 -3.25 7.98 -16.38
CA ARG A 252 -3.78 7.08 -17.39
C ARG A 252 -3.40 5.63 -17.08
N LYS A 253 -4.15 4.70 -17.68
CA LYS A 253 -3.97 3.29 -17.40
C LYS A 253 -2.61 2.80 -17.87
N ARG A 254 -1.93 2.04 -17.02
CA ARG A 254 -0.62 1.48 -17.36
C ARG A 254 -0.36 0.34 -16.39
N ALA A 255 -0.04 -0.84 -16.92
CA ALA A 255 0.20 -2.01 -16.08
C ALA A 255 1.53 -1.86 -15.33
N LEU A 256 1.48 -2.05 -14.01
CA LEU A 256 2.71 -1.94 -13.21
C LEU A 256 3.72 -2.99 -13.61
N SER A 257 3.27 -4.22 -13.85
CA SER A 257 4.15 -5.30 -14.28
C SER A 257 3.31 -6.36 -14.98
N ARG A 258 3.85 -6.90 -16.06
CA ARG A 258 3.17 -7.97 -16.81
C ARG A 258 3.80 -9.28 -16.37
N LEU A 259 3.31 -9.81 -15.25
CA LEU A 259 3.90 -10.98 -14.62
C LEU A 259 3.34 -12.26 -15.23
N LYS A 260 3.68 -13.40 -14.62
CA LYS A 260 3.23 -14.70 -15.08
C LYS A 260 2.63 -15.43 -13.89
N LEU A 261 1.35 -15.78 -13.97
CA LEU A 261 0.70 -16.53 -12.91
C LEU A 261 0.93 -18.02 -13.15
N LYS A 262 1.62 -18.67 -12.22
CA LYS A 262 2.07 -20.04 -12.39
C LYS A 262 1.30 -20.94 -11.45
N LEU A 263 0.34 -21.70 -12.00
CA LEU A 263 -0.34 -22.72 -11.21
C LEU A 263 0.63 -23.80 -10.78
N ASN A 264 1.54 -24.20 -11.68
CA ASN A 264 2.64 -25.09 -11.35
C ASN A 264 3.79 -24.74 -12.29
N LYS A 265 4.76 -25.65 -12.41
CA LYS A 265 5.89 -25.42 -13.30
C LYS A 265 5.52 -25.55 -14.77
N ASP A 266 4.32 -26.02 -15.10
CA ASP A 266 3.92 -26.23 -16.49
C ASP A 266 2.77 -25.34 -16.94
N ILE A 267 1.70 -25.24 -16.16
CA ILE A 267 0.56 -24.38 -16.52
C ILE A 267 0.90 -22.96 -16.08
N VAL A 268 1.09 -22.07 -17.04
CA VAL A 268 1.46 -20.69 -16.77
C VAL A 268 0.58 -19.78 -17.60
N ILE A 269 0.03 -18.73 -16.97
CA ILE A 269 -0.72 -17.69 -17.67
C ILE A 269 -0.11 -16.34 -17.34
N SER A 270 -0.35 -15.38 -18.23
CA SER A 270 0.19 -14.04 -18.10
C SER A 270 -0.90 -13.08 -17.63
N VAL A 271 -0.59 -12.29 -16.61
CA VAL A 271 -1.53 -11.34 -16.05
C VAL A 271 -0.85 -9.98 -15.92
N GLY A 272 -1.67 -8.95 -15.85
CA GLY A 272 -1.21 -7.58 -15.66
C GLY A 272 -1.57 -7.09 -14.27
N ILE A 273 -0.67 -6.34 -13.65
CA ILE A 273 -0.85 -5.82 -12.30
C ILE A 273 -1.07 -4.32 -12.39
N TYR A 274 -2.18 -3.86 -11.82
CA TYR A 274 -2.55 -2.45 -11.81
C TYR A 274 -2.82 -1.99 -10.38
N ASN A 275 -2.60 -0.71 -10.14
CA ASN A 275 -2.89 -0.09 -8.85
C ASN A 275 -4.14 0.78 -9.01
N LEU A 276 -5.28 0.24 -8.60
CA LEU A 276 -6.53 0.99 -8.69
C LEU A 276 -6.54 2.15 -7.70
N VAL A 277 -5.73 2.07 -6.65
CA VAL A 277 -5.56 3.17 -5.70
C VAL A 277 -4.06 3.39 -5.51
N GLN A 278 -3.66 4.67 -5.55
CA GLN A 278 -2.26 5.02 -5.38
C GLN A 278 -2.19 6.39 -4.71
N LYS A 279 -1.45 6.49 -3.61
CA LYS A 279 -1.40 7.71 -2.83
C LYS A 279 -0.80 8.85 -3.65
N ALA A 280 -1.62 9.84 -3.98
CA ALA A 280 -1.16 10.96 -4.78
C ALA A 280 -0.16 11.80 -3.99
N LEU A 281 0.92 12.21 -4.67
CA LEU A 281 2.00 12.94 -4.04
C LEU A 281 2.08 14.35 -4.60
N LYS A 282 2.50 15.27 -3.74
CA LYS A 282 2.82 16.62 -4.20
C LYS A 282 4.02 16.56 -5.14
N PRO A 283 3.93 17.19 -6.31
CA PRO A 283 5.02 17.13 -7.28
C PRO A 283 6.32 17.63 -6.67
N PRO A 284 7.43 16.97 -6.94
CA PRO A 284 8.71 17.35 -6.31
C PRO A 284 9.19 18.69 -6.85
N PRO A 285 9.84 19.49 -6.03
CA PRO A 285 10.40 20.75 -6.51
C PRO A 285 11.53 20.51 -7.50
N ILE A 286 11.73 21.48 -8.39
CA ILE A 286 12.80 21.43 -9.38
C ILE A 286 13.81 22.52 -9.06
N LYS A 287 15.09 22.19 -9.14
CA LYS A 287 16.16 23.15 -8.91
C LYS A 287 16.45 23.90 -10.20
N LEU A 288 16.59 25.21 -10.10
CA LEU A 288 16.77 26.04 -11.28
C LEU A 288 17.63 27.25 -10.94
N TYR A 289 18.32 27.77 -11.96
CA TYR A 289 19.24 28.88 -11.78
C TYR A 289 18.48 30.14 -11.36
N ARG A 290 19.14 30.97 -10.56
CA ARG A 290 18.42 32.05 -9.86
C ARG A 290 17.87 33.08 -10.84
N GLU A 291 18.75 33.78 -11.56
CA GLU A 291 18.30 34.95 -12.31
C GLU A 291 17.75 34.58 -13.69
N THR A 292 18.32 33.57 -14.34
CA THR A 292 17.89 33.20 -15.68
C THR A 292 16.77 32.17 -15.70
N ASN A 293 16.57 31.43 -14.60
CA ASN A 293 15.39 30.61 -14.38
C ASN A 293 15.21 29.54 -15.49
N GLU A 294 16.18 28.63 -15.53
CA GLU A 294 16.03 27.42 -16.31
C GLU A 294 16.41 26.21 -15.48
N PRO A 295 15.82 25.04 -15.75
CA PRO A 295 16.10 23.87 -14.93
C PRO A 295 17.58 23.47 -14.98
N VAL A 296 18.08 22.99 -13.84
CA VAL A 296 19.47 22.58 -13.69
C VAL A 296 19.48 21.09 -13.39
N LYS A 297 20.05 20.30 -14.30
CA LYS A 297 20.15 18.87 -14.09
C LYS A 297 21.25 18.55 -13.10
N THR A 298 21.07 17.43 -12.39
CA THR A 298 21.97 17.02 -11.32
C THR A 298 22.63 15.70 -11.68
N LYS A 299 23.96 15.65 -11.57
CA LYS A 299 24.73 14.43 -11.72
C LYS A 299 25.59 14.23 -10.49
N THR A 300 25.55 13.03 -9.92
CA THR A 300 26.33 12.70 -8.74
C THR A 300 27.46 11.75 -9.11
N ARG A 301 28.68 12.09 -8.70
CA ARG A 301 29.85 11.28 -8.99
C ARG A 301 30.58 10.96 -7.70
N THR A 302 31.20 9.79 -7.67
CA THR A 302 31.93 9.31 -6.51
C THR A 302 33.40 9.17 -6.86
N PHE A 303 34.26 9.76 -6.03
CA PHE A 303 35.70 9.76 -6.28
C PHE A 303 36.46 9.63 -4.97
N ASN A 304 37.69 9.16 -5.08
CA ASN A 304 38.53 8.96 -3.90
C ASN A 304 39.03 10.31 -3.39
N THR A 305 39.17 10.41 -2.06
CA THR A 305 39.67 11.63 -1.46
C THR A 305 41.11 11.91 -1.87
N SER A 306 41.94 10.86 -1.92
CA SER A 306 43.37 11.06 -2.16
C SER A 306 43.65 11.40 -3.63
N THR A 307 43.34 10.48 -4.54
CA THR A 307 43.67 10.70 -5.95
C THR A 307 42.71 11.67 -6.63
N GLY A 308 41.44 11.67 -6.23
CA GLY A 308 40.46 12.53 -6.84
C GLY A 308 39.87 12.01 -8.14
N GLY A 309 40.34 10.86 -8.64
CA GLY A 309 39.81 10.33 -9.87
C GLY A 309 38.50 9.60 -9.69
N LEU A 310 37.76 9.47 -10.79
CA LEU A 310 36.47 8.79 -10.76
C LEU A 310 36.67 7.30 -10.49
N LEU A 311 35.78 6.73 -9.69
CA LEU A 311 35.83 5.32 -9.32
C LEU A 311 34.76 4.55 -10.08
N LEU A 312 35.17 3.45 -10.71
CA LEU A 312 34.23 2.55 -11.36
C LEU A 312 33.41 1.82 -10.30
N PRO A 313 32.24 1.29 -10.67
CA PRO A 313 31.46 0.50 -9.71
C PRO A 313 32.18 -0.73 -9.21
N SER A 314 33.17 -1.23 -9.94
CA SER A 314 33.97 -2.36 -9.49
C SER A 314 35.07 -1.97 -8.51
N ASP A 315 35.24 -0.67 -8.26
CA ASP A 315 36.25 -0.18 -7.33
C ASP A 315 35.70 0.00 -5.91
N THR A 316 34.44 -0.35 -5.67
CA THR A 316 33.82 -0.22 -4.36
C THR A 316 33.22 -1.55 -3.93
N LYS A 317 33.15 -1.75 -2.62
CA LYS A 317 32.54 -2.93 -2.04
C LYS A 317 31.59 -2.51 -0.92
N ARG A 318 30.57 -3.32 -0.71
CA ARG A 318 29.59 -3.06 0.35
C ARG A 318 30.08 -3.67 1.66
N SER A 319 29.95 -2.91 2.75
CA SER A 319 30.46 -3.31 4.05
C SER A 319 29.41 -3.10 5.12
N GLN A 320 29.40 -4.00 6.11
CA GLN A 320 28.58 -3.86 7.30
C GLN A 320 29.44 -4.21 8.50
N ILE A 321 29.32 -3.41 9.56
CA ILE A 321 30.13 -3.57 10.76
C ILE A 321 29.22 -3.93 11.92
N TYR A 322 29.48 -5.07 12.55
CA TYR A 322 28.77 -5.51 13.75
C TYR A 322 29.79 -5.61 14.87
N GLY A 323 29.69 -4.71 15.85
CA GLY A 323 30.66 -4.69 16.92
C GLY A 323 32.04 -4.30 16.45
N SER A 324 32.97 -5.26 16.43
CA SER A 324 34.33 -5.03 15.98
C SER A 324 34.68 -5.85 14.75
N ARG A 325 33.71 -6.52 14.14
CA ARG A 325 33.94 -7.34 12.96
C ARG A 325 33.31 -6.68 11.74
N GLN A 326 34.06 -6.63 10.65
CA GLN A 326 33.62 -6.03 9.40
C GLN A 326 33.33 -7.12 8.39
N ILE A 327 32.16 -7.06 7.76
CA ILE A 327 31.73 -8.02 6.76
C ILE A 327 31.71 -7.32 5.41
N ILE A 328 32.43 -7.87 4.44
CA ILE A 328 32.62 -7.24 3.14
C ILE A 328 31.94 -8.10 2.09
N LEU A 329 31.04 -7.49 1.32
CA LEU A 329 30.32 -8.15 0.24
C LEU A 329 30.38 -7.29 -1.02
N GLU A 330 30.39 -7.96 -2.16
CA GLU A 330 30.25 -7.26 -3.44
C GLU A 330 28.81 -6.83 -3.64
N LYS A 331 28.63 -5.86 -4.55
CA LYS A 331 27.27 -5.41 -4.86
C LYS A 331 26.45 -6.54 -5.47
N GLU A 332 27.05 -7.34 -6.35
CA GLU A 332 26.34 -8.47 -6.91
C GLU A 332 26.00 -9.50 -5.84
N GLU A 333 26.88 -9.69 -4.86
CA GLU A 333 26.57 -10.60 -3.75
C GLU A 333 25.40 -10.09 -2.93
N THR A 334 25.38 -8.78 -2.63
CA THR A 334 24.28 -8.21 -1.88
C THR A 334 22.96 -8.32 -2.64
N GLU A 335 23.00 -8.18 -3.96
CA GLU A 335 21.80 -8.40 -4.75
C GLU A 335 21.41 -9.87 -4.77
N GLU A 336 22.41 -10.77 -4.75
CA GLU A 336 22.12 -12.20 -4.84
C GLU A 336 21.48 -12.72 -3.56
N LEU A 337 21.90 -12.22 -2.40
CA LEU A 337 21.34 -12.72 -1.16
C LEU A 337 19.86 -12.38 -0.99
N LYS A 338 19.33 -11.46 -1.80
CA LYS A 338 17.92 -11.10 -1.78
C LYS A 338 17.10 -11.90 -2.79
N ARG A 339 17.72 -12.81 -3.53
CA ARG A 339 17.05 -13.53 -4.59
C ARG A 339 16.50 -14.84 -4.07
N PHE A 340 15.19 -15.04 -4.22
CA PHE A 340 14.53 -16.29 -3.87
C PHE A 340 13.90 -16.98 -5.07
N ASP A 341 13.10 -16.27 -5.84
CA ASP A 341 12.33 -16.87 -6.92
C ASP A 341 12.28 -15.93 -8.12
N ASP A 342 11.94 -16.50 -9.27
CA ASP A 342 11.75 -15.70 -10.46
C ASP A 342 10.49 -14.85 -10.33
N PRO A 343 10.43 -13.70 -11.01
CA PRO A 343 9.24 -12.85 -10.93
C PRO A 343 8.00 -13.57 -11.42
N GLY A 344 6.88 -13.30 -10.75
CA GLY A 344 5.61 -13.88 -11.11
C GLY A 344 4.83 -14.26 -9.87
N LEU A 345 3.74 -14.99 -10.08
CA LEU A 345 2.89 -15.49 -9.00
C LEU A 345 2.82 -17.00 -9.09
N MET A 346 3.13 -17.67 -7.97
CA MET A 346 3.04 -19.12 -7.87
C MET A 346 1.86 -19.48 -6.98
N LEU A 347 0.95 -20.30 -7.50
CA LEU A 347 -0.27 -20.64 -6.77
C LEU A 347 0.05 -21.63 -5.67
N MET A 348 0.02 -21.16 -4.43
CA MET A 348 0.21 -22.02 -3.28
C MET A 348 -1.00 -22.89 -2.99
N GLY A 349 -2.19 -22.36 -3.19
CA GLY A 349 -3.41 -23.09 -2.91
C GLY A 349 -4.58 -22.13 -2.81
N PHE A 350 -5.75 -22.71 -2.53
CA PHE A 350 -6.99 -21.96 -2.44
C PHE A 350 -7.52 -22.02 -1.01
N LYS A 351 -7.81 -20.87 -0.45
CA LYS A 351 -8.21 -20.74 0.95
C LYS A 351 -9.52 -19.97 1.04
N PRO A 352 -10.43 -20.40 1.92
CA PRO A 352 -11.72 -19.70 2.05
C PRO A 352 -11.53 -18.26 2.51
N LEU A 353 -12.44 -17.39 2.07
CA LEU A 353 -12.32 -15.97 2.33
C LEU A 353 -12.50 -15.63 3.80
N VAL A 354 -13.14 -16.51 4.58
CA VAL A 354 -13.37 -16.22 6.00
C VAL A 354 -12.06 -16.19 6.78
N LEU A 355 -11.01 -16.84 6.29
CA LEU A 355 -9.74 -16.88 6.98
C LEU A 355 -8.88 -15.64 6.72
N LEU A 356 -9.34 -14.74 5.86
CA LEU A 356 -8.60 -13.50 5.57
C LEU A 356 -9.11 -12.42 6.53
N LYS A 357 -8.32 -12.13 7.56
CA LYS A 357 -8.74 -11.19 8.59
C LYS A 357 -8.64 -9.75 8.07
N LYS A 358 -9.68 -8.97 8.34
CA LYS A 358 -9.75 -7.60 7.83
C LYS A 358 -8.65 -6.73 8.43
N HIS A 359 -8.36 -6.91 9.71
CA HIS A 359 -7.37 -6.08 10.40
C HIS A 359 -5.94 -6.47 10.10
N HIS A 360 -5.71 -7.32 9.10
CA HIS A 360 -4.36 -7.75 8.71
C HIS A 360 -3.84 -6.99 7.50
N TYR A 361 -4.20 -5.71 7.37
CA TYR A 361 -3.76 -4.91 6.26
C TYR A 361 -2.28 -4.58 6.38
N LEU A 362 -1.55 -4.72 5.27
CA LEU A 362 -0.12 -4.43 5.24
C LEU A 362 0.22 -3.25 4.34
N ARG A 363 -0.19 -3.30 3.08
CA ARG A 363 0.09 -2.26 2.11
C ARG A 363 -1.02 -2.26 1.08
N PRO A 364 -1.23 -1.16 0.35
CA PRO A 364 -2.40 -1.07 -0.54
C PRO A 364 -2.42 -2.18 -1.57
N SER A 365 -3.62 -2.69 -1.82
CA SER A 365 -3.80 -3.83 -2.70
C SER A 365 -3.60 -3.44 -4.16
N LEU A 366 -3.35 -4.45 -4.99
CA LEU A 366 -3.23 -4.28 -6.43
C LEU A 366 -4.32 -5.09 -7.13
N PHE A 367 -4.47 -4.83 -8.43
CA PHE A 367 -5.49 -5.46 -9.25
C PHE A 367 -4.82 -6.34 -10.29
N VAL A 368 -5.36 -7.54 -10.48
CA VAL A 368 -4.82 -8.53 -11.40
C VAL A 368 -5.82 -8.78 -12.51
N TYR A 369 -5.38 -8.61 -13.75
CA TYR A 369 -6.23 -8.79 -14.92
C TYR A 369 -5.48 -9.61 -15.96
N PRO A 370 -6.18 -10.46 -16.70
CA PRO A 370 -5.50 -11.29 -17.70
C PRO A 370 -4.97 -10.46 -18.87
N GLU A 371 -3.98 -11.03 -19.54
CA GLU A 371 -3.34 -10.37 -20.68
C GLU A 371 -3.19 -11.41 -21.80
N GLU A 372 -4.00 -11.28 -22.85
CA GLU A 372 -3.93 -12.19 -23.97
C GLU A 372 -2.79 -11.86 -24.93
N SER A 373 -2.18 -10.67 -24.79
CA SER A 373 -1.10 -10.29 -25.69
C SER A 373 0.19 -11.06 -25.45
N LEU A 374 0.29 -11.81 -24.34
CA LEU A 374 1.47 -12.58 -24.02
C LEU A 374 1.24 -14.08 -24.15
N VAL A 375 0.19 -14.60 -23.54
CA VAL A 375 -0.14 -16.02 -23.58
C VAL A 375 -1.61 -16.17 -23.97
N ILE A 376 -1.86 -16.98 -24.99
CA ILE A 376 -3.22 -17.23 -25.46
C ILE A 376 -3.89 -18.24 -24.54
N GLY A 377 -5.16 -17.98 -24.22
CA GLY A 377 -5.89 -18.79 -23.26
C GLY A 377 -5.82 -18.30 -21.84
N SER A 378 -4.96 -17.31 -21.57
CA SER A 378 -4.88 -16.75 -20.23
C SER A 378 -6.21 -16.15 -19.81
N SER A 379 -6.89 -15.46 -20.73
CA SER A 379 -8.20 -14.88 -20.41
C SER A 379 -9.21 -15.97 -20.07
N THR A 380 -9.21 -17.07 -20.82
CA THR A 380 -10.18 -18.13 -20.56
C THR A 380 -9.92 -18.77 -19.19
N LEU A 381 -8.66 -19.10 -18.90
CA LEU A 381 -8.36 -19.72 -17.61
C LEU A 381 -8.62 -18.75 -16.47
N PHE A 382 -8.32 -17.47 -16.66
CA PHE A 382 -8.59 -16.46 -15.65
C PHE A 382 -10.09 -16.34 -15.39
N SER A 383 -10.89 -16.35 -16.44
CA SER A 383 -12.34 -16.26 -16.28
C SER A 383 -12.88 -17.48 -15.54
N ALA A 384 -12.41 -18.67 -15.90
CA ALA A 384 -12.86 -19.87 -15.20
C ALA A 384 -12.47 -19.84 -13.72
N LEU A 385 -11.23 -19.44 -13.43
CA LEU A 385 -10.77 -19.35 -12.05
C LEU A 385 -11.59 -18.33 -11.27
N LEU A 386 -11.86 -17.19 -11.88
CA LEU A 386 -12.65 -16.16 -11.20
C LEU A 386 -14.07 -16.65 -10.92
N ILE A 387 -14.70 -17.30 -11.90
CA ILE A 387 -16.05 -17.79 -11.71
C ILE A 387 -16.10 -18.81 -10.57
N LYS A 388 -15.16 -19.76 -10.57
CA LYS A 388 -15.19 -20.81 -9.55
C LYS A 388 -14.83 -20.24 -8.18
N CYS A 389 -13.89 -19.30 -8.11
CA CYS A 389 -13.54 -18.69 -6.84
C CYS A 389 -14.71 -17.89 -6.27
N LEU A 390 -15.43 -17.15 -7.12
CA LEU A 390 -16.61 -16.43 -6.66
C LEU A 390 -17.69 -17.38 -6.19
N GLU A 391 -17.89 -18.49 -6.91
CA GLU A 391 -18.91 -19.46 -6.50
C GLU A 391 -18.56 -20.10 -5.16
N LYS A 392 -17.29 -20.43 -4.96
CA LYS A 392 -16.87 -21.13 -3.74
C LYS A 392 -16.37 -20.19 -2.65
N GLU A 393 -16.34 -18.89 -2.90
CA GLU A 393 -15.94 -17.89 -1.89
C GLU A 393 -14.56 -18.21 -1.32
N VAL A 394 -13.62 -18.55 -2.20
CA VAL A 394 -12.25 -18.88 -1.79
C VAL A 394 -11.30 -17.89 -2.44
N ALA A 395 -10.15 -17.70 -1.80
CA ALA A 395 -9.11 -16.81 -2.29
C ALA A 395 -7.88 -17.61 -2.66
N ALA A 396 -7.30 -17.31 -3.82
CA ALA A 396 -6.10 -17.99 -4.29
C ALA A 396 -4.89 -17.42 -3.58
N LEU A 397 -4.25 -18.22 -2.74
CA LEU A 397 -3.05 -17.79 -2.04
C LEU A 397 -1.85 -18.02 -2.95
N CYS A 398 -1.05 -16.97 -3.14
CA CYS A 398 0.06 -17.00 -4.08
C CYS A 398 1.31 -16.42 -3.45
N ARG A 399 2.45 -16.82 -3.99
CA ARG A 399 3.75 -16.24 -3.63
C ARG A 399 4.11 -15.20 -4.68
N TYR A 400 4.29 -13.96 -4.24
CA TYR A 400 4.38 -12.81 -5.13
C TYR A 400 5.81 -12.30 -5.16
N THR A 401 6.38 -12.26 -6.36
CA THR A 401 7.72 -11.69 -6.59
C THR A 401 7.61 -10.61 -7.67
N PRO A 402 7.57 -9.33 -7.30
CA PRO A 402 7.36 -8.29 -8.31
C PRO A 402 8.42 -8.25 -9.40
N ARG A 403 9.68 -8.48 -9.06
CA ARG A 403 10.77 -8.36 -10.03
C ARG A 403 11.94 -9.21 -9.56
N ARG A 404 13.09 -9.05 -10.21
CA ARG A 404 14.26 -9.85 -9.89
C ARG A 404 14.91 -9.36 -8.61
N ASN A 405 15.52 -10.31 -7.88
CA ASN A 405 16.29 -10.02 -6.68
C ASN A 405 15.47 -9.26 -5.64
N ILE A 406 14.26 -9.73 -5.38
CA ILE A 406 13.42 -9.16 -4.33
C ILE A 406 12.81 -10.30 -3.54
N PRO A 407 12.77 -10.22 -2.20
CA PRO A 407 12.17 -11.29 -1.42
C PRO A 407 10.69 -11.42 -1.70
N PRO A 408 10.13 -12.63 -1.65
CA PRO A 408 8.72 -12.82 -1.97
C PRO A 408 7.81 -12.55 -0.78
N TYR A 409 6.57 -12.20 -1.09
CA TYR A 409 5.52 -12.04 -0.11
C TYR A 409 4.38 -12.97 -0.46
N PHE A 410 3.60 -13.35 0.56
CA PHE A 410 2.40 -14.14 0.36
C PHE A 410 1.22 -13.21 0.13
N VAL A 411 0.52 -13.40 -0.98
CA VAL A 411 -0.63 -12.58 -1.33
C VAL A 411 -1.82 -13.48 -1.61
N ALA A 412 -3.02 -12.93 -1.42
CA ALA A 412 -4.26 -13.64 -1.67
C ALA A 412 -4.98 -12.99 -2.83
N LEU A 413 -5.38 -13.80 -3.81
CA LEU A 413 -6.10 -13.30 -4.98
C LEU A 413 -7.59 -13.38 -4.68
N VAL A 414 -8.12 -12.34 -4.05
CA VAL A 414 -9.53 -12.29 -3.71
C VAL A 414 -10.34 -12.06 -4.99
N PRO A 415 -11.27 -12.95 -5.33
CA PRO A 415 -12.09 -12.73 -6.53
C PRO A 415 -12.92 -11.47 -6.40
N GLN A 416 -13.08 -10.77 -7.52
CA GLN A 416 -13.80 -9.50 -7.56
C GLN A 416 -14.79 -9.55 -8.71
N GLU A 417 -16.08 -9.47 -8.37
CA GLU A 417 -17.12 -9.49 -9.39
C GLU A 417 -17.32 -8.10 -9.97
N GLU A 418 -17.68 -8.05 -11.25
CA GLU A 418 -17.99 -6.79 -11.90
C GLU A 418 -19.26 -6.20 -11.30
N GLU A 419 -19.23 -4.90 -11.03
CA GLU A 419 -20.35 -4.18 -10.43
C GLU A 419 -20.72 -3.01 -11.33
N LEU A 420 -21.99 -2.95 -11.72
CA LEU A 420 -22.52 -1.89 -12.56
C LEU A 420 -23.60 -1.14 -11.82
N ASP A 421 -23.56 0.19 -11.92
CA ASP A 421 -24.55 1.03 -11.26
C ASP A 421 -25.79 1.17 -12.15
N ASP A 422 -26.68 2.10 -11.78
CA ASP A 422 -27.92 2.30 -12.53
C ASP A 422 -27.68 2.85 -13.93
N GLN A 423 -26.54 3.49 -14.18
CA GLN A 423 -26.21 4.03 -15.48
C GLN A 423 -25.46 3.05 -16.37
N LYS A 424 -25.32 1.80 -15.92
CA LYS A 424 -24.67 0.74 -16.70
C LYS A 424 -23.21 1.08 -17.01
N ILE A 425 -22.56 1.84 -16.14
CA ILE A 425 -21.14 2.11 -16.26
C ILE A 425 -20.40 1.28 -15.24
N GLN A 426 -19.14 0.98 -15.52
CA GLN A 426 -18.36 0.09 -14.67
C GLN A 426 -17.79 0.88 -13.49
N VAL A 427 -18.06 0.41 -12.28
CA VAL A 427 -17.49 1.01 -11.07
C VAL A 427 -16.53 0.06 -10.36
N THR A 428 -16.65 -1.24 -10.57
CA THR A 428 -15.73 -2.22 -10.00
C THR A 428 -15.34 -3.22 -11.09
N PRO A 429 -14.08 -3.20 -11.54
CA PRO A 429 -13.69 -4.08 -12.64
C PRO A 429 -13.66 -5.54 -12.18
N PRO A 430 -13.89 -6.47 -13.10
CA PRO A 430 -13.79 -7.89 -12.74
C PRO A 430 -12.35 -8.37 -12.78
N GLY A 431 -12.00 -9.18 -11.79
CA GLY A 431 -10.64 -9.70 -11.69
C GLY A 431 -10.35 -10.15 -10.27
N PHE A 432 -9.05 -10.17 -9.95
CA PHE A 432 -8.59 -10.57 -8.63
C PHE A 432 -7.95 -9.38 -7.93
N GLN A 433 -8.22 -9.25 -6.64
CA GLN A 433 -7.66 -8.18 -5.82
C GLN A 433 -6.44 -8.75 -5.10
N LEU A 434 -5.25 -8.39 -5.57
CA LEU A 434 -4.00 -8.86 -5.00
C LEU A 434 -3.79 -8.14 -3.67
N VAL A 435 -4.07 -8.83 -2.57
CA VAL A 435 -3.93 -8.27 -1.24
C VAL A 435 -2.73 -8.92 -0.55
N PHE A 436 -1.85 -8.08 -0.02
CA PHE A 436 -0.65 -8.56 0.64
C PHE A 436 -0.97 -9.09 2.04
N LEU A 437 -0.32 -10.19 2.41
CA LEU A 437 -0.48 -10.76 3.73
C LEU A 437 0.76 -10.51 4.57
N PRO A 438 0.61 -10.00 5.78
CA PRO A 438 1.79 -9.71 6.60
C PRO A 438 2.49 -10.99 7.05
N PHE A 439 3.79 -10.88 7.29
CA PHE A 439 4.56 -11.98 7.82
C PHE A 439 4.45 -12.00 9.34
N ALA A 440 5.15 -12.95 9.97
CA ALA A 440 5.08 -13.06 11.43
C ALA A 440 5.68 -11.83 12.10
N ASP A 441 6.77 -11.31 11.56
CA ASP A 441 7.45 -10.16 12.14
C ASP A 441 6.89 -8.83 11.64
N ASP A 442 5.93 -8.85 10.73
CA ASP A 442 5.22 -7.63 10.35
C ASP A 442 4.13 -7.25 11.35
N LYS A 443 3.81 -8.14 12.28
CA LYS A 443 2.81 -7.88 13.31
C LYS A 443 3.48 -7.62 14.64
N ARG A 444 3.00 -6.60 15.36
CA ARG A 444 3.55 -6.20 16.63
C ARG A 444 2.62 -6.63 17.75
N LYS A 445 3.16 -7.27 18.78
CA LYS A 445 2.36 -7.64 19.93
C LYS A 445 2.12 -6.43 20.82
N MET A 446 1.08 -6.51 21.65
CA MET A 446 0.67 -5.36 22.42
C MET A 446 0.52 -5.71 23.89
N PRO A 447 0.73 -4.74 24.78
CA PRO A 447 0.61 -5.02 26.21
C PRO A 447 -0.79 -5.47 26.59
N PHE A 448 -0.86 -6.41 27.53
CA PHE A 448 -2.15 -6.92 27.97
C PHE A 448 -2.92 -5.84 28.71
N THR A 449 -4.22 -5.76 28.46
CA THR A 449 -5.10 -4.79 29.07
C THR A 449 -6.22 -5.52 29.80
N GLU A 450 -6.98 -4.76 30.59
CA GLU A 450 -8.12 -5.30 31.32
C GLU A 450 -9.39 -5.06 30.51
N LYS A 451 -10.08 -6.14 30.16
CA LYS A 451 -11.30 -6.04 29.37
C LYS A 451 -12.42 -5.55 30.28
N ILE A 452 -12.64 -4.24 30.29
CA ILE A 452 -13.69 -3.64 31.10
C ILE A 452 -14.95 -3.56 30.25
N MET A 453 -16.02 -4.17 30.73
CA MET A 453 -17.27 -4.25 29.98
C MET A 453 -18.10 -3.00 30.16
N ALA A 454 -18.91 -2.70 29.16
CA ALA A 454 -19.83 -1.58 29.18
C ALA A 454 -21.25 -2.06 29.44
N THR A 455 -21.97 -1.36 30.29
CA THR A 455 -23.33 -1.75 30.63
C THR A 455 -24.26 -1.56 29.43
N PRO A 456 -25.33 -2.35 29.36
CA PRO A 456 -26.26 -2.23 28.21
C PRO A 456 -26.85 -0.84 28.05
N GLU A 457 -27.11 -0.11 29.15
CA GLU A 457 -27.62 1.24 29.02
C GLU A 457 -26.60 2.16 28.35
N GLN A 458 -25.32 2.04 28.73
CA GLN A 458 -24.28 2.83 28.07
C GLN A 458 -24.15 2.45 26.60
N VAL A 459 -24.25 1.15 26.29
CA VAL A 459 -24.18 0.72 24.91
C VAL A 459 -25.35 1.29 24.12
N GLY A 460 -26.54 1.32 24.71
CA GLY A 460 -27.69 1.89 24.03
C GLY A 460 -27.56 3.39 23.82
N LYS A 461 -27.00 4.10 24.81
CA LYS A 461 -26.80 5.53 24.64
C LYS A 461 -25.82 5.83 23.51
N MET A 462 -24.72 5.07 23.44
CA MET A 462 -23.81 5.23 22.32
C MET A 462 -24.45 4.81 21.00
N LYS A 463 -25.35 3.83 21.05
CA LYS A 463 -26.09 3.45 19.85
C LYS A 463 -26.92 4.63 19.35
N ALA A 464 -27.59 5.33 20.27
CA ALA A 464 -28.35 6.52 19.90
C ALA A 464 -27.45 7.60 19.30
N ILE A 465 -26.29 7.81 19.92
CA ILE A 465 -25.34 8.81 19.40
C ILE A 465 -24.90 8.44 17.99
N VAL A 466 -24.53 7.18 17.79
CA VAL A 466 -24.07 6.72 16.48
C VAL A 466 -25.16 6.87 15.44
N GLU A 467 -26.40 6.52 15.81
CA GLU A 467 -27.51 6.65 14.87
C GLU A 467 -27.76 8.11 14.52
N LYS A 468 -27.59 9.01 15.50
CA LYS A 468 -27.71 10.43 15.21
C LYS A 468 -26.64 10.90 14.23
N LEU A 469 -25.41 10.41 14.38
CA LEU A 469 -24.31 10.84 13.52
C LEU A 469 -24.08 9.90 12.33
N ARG A 470 -25.13 9.27 11.83
CA ARG A 470 -25.01 8.39 10.67
C ARG A 470 -24.90 9.19 9.39
N PHE A 471 -24.10 8.69 8.45
CA PHE A 471 -23.97 9.33 7.14
C PHE A 471 -23.52 8.28 6.14
N THR A 472 -23.73 8.58 4.86
CA THR A 472 -23.36 7.68 3.77
C THR A 472 -21.97 8.03 3.26
N TYR A 473 -21.10 7.02 3.21
CA TYR A 473 -19.70 7.21 2.84
C TYR A 473 -19.46 6.74 1.40
N ARG A 474 -18.77 7.58 0.64
CA ARG A 474 -18.31 7.22 -0.70
C ARG A 474 -16.80 7.40 -0.75
N SER A 475 -16.15 6.57 -1.58
CA SER A 475 -14.69 6.59 -1.65
C SER A 475 -14.13 7.93 -2.13
N ASP A 476 -14.94 8.72 -2.83
CA ASP A 476 -14.50 10.02 -3.34
C ASP A 476 -15.16 11.19 -2.61
N SER A 477 -15.50 11.01 -1.33
CA SER A 477 -16.17 12.05 -0.57
C SER A 477 -15.21 13.08 0.01
N PHE A 478 -13.91 12.81 -0.01
CA PHE A 478 -12.93 13.68 0.64
C PHE A 478 -11.78 13.99 -0.31
N GLU A 479 -11.23 15.19 -0.15
CA GLU A 479 -10.10 15.65 -0.95
C GLU A 479 -8.91 15.90 -0.04
N ASN A 480 -7.72 15.71 -0.58
CA ASN A 480 -6.49 15.93 0.17
C ASN A 480 -6.27 17.42 0.40
N PRO A 481 -6.44 17.92 1.63
CA PRO A 481 -6.29 19.37 1.85
C PRO A 481 -4.91 19.88 1.50
N VAL A 482 -3.86 19.09 1.76
CA VAL A 482 -2.51 19.53 1.46
C VAL A 482 -2.33 19.72 -0.05
N LEU A 483 -2.78 18.73 -0.83
CA LEU A 483 -2.67 18.83 -2.28
C LEU A 483 -3.52 19.97 -2.82
N GLN A 484 -4.73 20.15 -2.28
CA GLN A 484 -5.58 21.24 -2.75
C GLN A 484 -4.94 22.60 -2.47
N GLN A 485 -4.40 22.78 -1.26
CA GLN A 485 -3.75 24.04 -0.93
C GLN A 485 -2.52 24.26 -1.80
N HIS A 486 -1.75 23.21 -2.06
CA HIS A 486 -0.58 23.34 -2.91
C HIS A 486 -0.97 23.75 -4.33
N PHE A 487 -2.04 23.15 -4.87
CA PHE A 487 -2.49 23.50 -6.22
C PHE A 487 -2.98 24.93 -6.27
N ARG A 488 -3.74 25.36 -5.25
CA ARG A 488 -4.18 26.75 -5.19
C ARG A 488 -3.01 27.71 -5.13
N ASN A 489 -2.00 27.39 -4.31
CA ASN A 489 -0.82 28.25 -4.19
C ASN A 489 -0.08 28.34 -5.52
N LEU A 490 0.09 27.20 -6.19
CA LEU A 490 0.78 27.20 -7.49
C LEU A 490 0.02 28.02 -8.51
N GLU A 491 -1.31 27.86 -8.56
CA GLU A 491 -2.11 28.64 -9.51
C GLU A 491 -2.01 30.12 -9.22
N ALA A 492 -2.10 30.51 -7.95
CA ALA A 492 -2.03 31.92 -7.60
C ALA A 492 -0.67 32.51 -7.93
N LEU A 493 0.40 31.77 -7.67
CA LEU A 493 1.74 32.28 -7.96
C LEU A 493 2.01 32.36 -9.45
N ALA A 494 1.52 31.37 -10.23
CA ALA A 494 1.75 31.39 -11.66
C ALA A 494 0.93 32.47 -12.35
N LEU A 495 -0.29 32.73 -11.86
CA LEU A 495 -1.18 33.70 -12.49
C LEU A 495 -1.11 35.06 -11.84
N ASP A 496 -0.22 35.25 -10.87
CA ASP A 496 -0.02 36.54 -10.21
C ASP A 496 -1.31 37.07 -9.60
N LEU A 497 -2.11 36.18 -9.00
CA LEU A 497 -3.32 36.60 -8.33
C LEU A 497 -2.97 37.41 -7.08
N MET A 498 -3.91 38.28 -6.69
CA MET A 498 -3.66 39.17 -5.56
C MET A 498 -3.53 38.37 -4.26
N GLU A 499 -4.22 37.24 -4.16
CA GLU A 499 -4.16 36.38 -2.98
C GLU A 499 -4.67 35.00 -3.35
N PRO A 500 -4.04 33.95 -2.85
CA PRO A 500 -4.52 32.59 -3.15
C PRO A 500 -5.81 32.29 -2.42
N GLU A 501 -6.81 31.85 -3.18
CA GLU A 501 -8.11 31.55 -2.60
C GLU A 501 -8.01 30.26 -1.80
N GLN A 502 -8.50 30.30 -0.56
CA GLN A 502 -8.29 29.22 0.39
C GLN A 502 -9.23 28.06 0.09
N ALA A 503 -8.66 26.85 0.10
CA ALA A 503 -9.47 25.65 -0.07
C ALA A 503 -10.27 25.36 1.21
N VAL A 504 -11.45 24.79 1.02
CA VAL A 504 -12.32 24.43 2.14
C VAL A 504 -11.98 23.01 2.55
N ASP A 505 -11.59 22.83 3.81
CA ASP A 505 -11.19 21.52 4.32
C ASP A 505 -12.43 20.70 4.61
N LEU A 506 -12.80 19.84 3.69
CA LEU A 506 -13.93 18.93 3.89
C LEU A 506 -13.61 17.80 4.85
N THR A 507 -12.32 17.55 5.12
CA THR A 507 -11.92 16.53 6.08
C THR A 507 -11.79 17.12 7.48
N LEU A 508 -12.82 17.81 7.93
CA LEU A 508 -12.85 18.39 9.26
C LEU A 508 -14.19 18.09 9.92
N PRO A 509 -14.19 17.85 11.23
CA PRO A 509 -15.46 17.57 11.92
C PRO A 509 -16.32 18.83 11.98
N LYS A 510 -17.54 18.70 11.47
CA LYS A 510 -18.52 19.79 11.56
C LYS A 510 -19.03 19.79 13.01
N VAL A 511 -18.26 20.46 13.87
CA VAL A 511 -18.51 20.38 15.30
C VAL A 511 -19.84 21.03 15.67
N GLU A 512 -20.15 22.19 15.08
CA GLU A 512 -21.41 22.87 15.39
C GLU A 512 -22.61 22.05 14.94
N ALA A 513 -22.56 21.51 13.72
CA ALA A 513 -23.65 20.67 13.24
C ALA A 513 -23.79 19.41 14.08
N MET A 514 -22.66 18.80 14.48
CA MET A 514 -22.70 17.62 15.33
C MET A 514 -23.35 17.93 16.67
N ASN A 515 -22.97 19.05 17.29
CA ASN A 515 -23.55 19.42 18.57
C ASN A 515 -25.04 19.69 18.45
N LYS A 516 -25.45 20.39 17.39
CA LYS A 516 -26.88 20.66 17.19
C LYS A 516 -27.64 19.37 16.97
N ARG A 517 -27.07 18.44 16.21
CA ARG A 517 -27.74 17.18 15.93
C ARG A 517 -27.85 16.32 17.19
N LEU A 518 -26.82 16.33 18.04
CA LEU A 518 -26.81 15.49 19.21
C LEU A 518 -27.66 16.07 20.33
N GLY A 519 -27.31 17.25 20.82
CA GLY A 519 -28.07 17.86 21.90
C GLY A 519 -27.67 17.36 23.27
N SER A 520 -28.64 16.81 24.01
CA SER A 520 -28.40 16.33 25.36
C SER A 520 -27.91 14.90 25.42
N LEU A 521 -27.76 14.23 24.27
CA LEU A 521 -27.29 12.85 24.27
C LEU A 521 -25.87 12.76 24.82
N VAL A 522 -25.01 13.70 24.45
CA VAL A 522 -23.62 13.69 24.94
C VAL A 522 -23.60 13.90 26.44
N ASP A 523 -24.41 14.84 26.95
CA ASP A 523 -24.47 15.08 28.38
C ASP A 523 -24.97 13.85 29.13
N GLU A 524 -26.00 13.20 28.60
CA GLU A 524 -26.52 12.00 29.24
C GLU A 524 -25.48 10.88 29.25
N PHE A 525 -24.75 10.71 28.14
CA PHE A 525 -23.71 9.69 28.09
C PHE A 525 -22.59 10.00 29.09
N LYS A 526 -22.20 11.27 29.20
CA LYS A 526 -21.17 11.64 30.17
C LYS A 526 -21.63 11.38 31.59
N GLU A 527 -22.90 11.69 31.89
CA GLU A 527 -23.43 11.37 33.22
C GLU A 527 -23.42 9.87 33.47
N LEU A 528 -23.76 9.08 32.46
CA LEU A 528 -23.81 7.63 32.63
C LEU A 528 -22.42 7.05 32.85
N VAL A 529 -21.42 7.54 32.12
CA VAL A 529 -20.11 6.89 32.12
C VAL A 529 -19.13 7.60 33.05
N TYR A 530 -18.83 8.86 32.77
CA TYR A 530 -17.78 9.56 33.50
C TYR A 530 -18.24 9.91 34.90
N PRO A 531 -17.51 9.52 35.94
CA PRO A 531 -17.80 10.00 37.29
C PRO A 531 -17.56 11.49 37.38
N PRO A 532 -18.23 12.19 38.30
CA PRO A 532 -18.10 13.65 38.34
C PRO A 532 -16.80 14.11 38.99
N ASP A 533 -15.70 13.45 38.65
CA ASP A 533 -14.36 13.87 39.05
C ASP A 533 -13.42 13.83 37.85
N TYR A 534 -13.74 12.98 36.88
CA TYR A 534 -12.90 12.75 35.72
C TYR A 534 -13.28 13.69 34.58
N ASN B 6 13.32 -3.65 28.41
CA ASN B 6 14.45 -3.01 27.75
C ASN B 6 15.54 -4.03 27.43
N LYS B 7 15.84 -4.89 28.39
CA LYS B 7 16.91 -5.87 28.24
C LYS B 7 16.53 -7.13 28.99
N ALA B 8 16.75 -8.28 28.36
CA ALA B 8 16.37 -9.57 28.92
C ALA B 8 17.59 -10.46 29.04
N ALA B 9 17.50 -11.44 29.95
CA ALA B 9 18.54 -12.44 30.17
C ALA B 9 17.99 -13.80 29.76
N VAL B 10 18.51 -14.35 28.67
CA VAL B 10 18.05 -15.61 28.12
C VAL B 10 19.15 -16.65 28.31
N VAL B 11 18.77 -17.81 28.86
CA VAL B 11 19.68 -18.94 29.02
C VAL B 11 19.17 -20.07 28.15
N LEU B 12 20.00 -20.51 27.21
CA LEU B 12 19.67 -21.62 26.33
C LEU B 12 20.25 -22.90 26.92
N CYS B 13 19.38 -23.72 27.49
CA CYS B 13 19.77 -24.99 28.10
C CYS B 13 19.51 -26.09 27.08
N MET B 14 20.56 -26.50 26.37
CA MET B 14 20.45 -27.43 25.25
C MET B 14 21.07 -28.77 25.61
N ASP B 15 20.38 -29.85 25.27
CA ASP B 15 20.87 -31.19 25.54
C ASP B 15 21.98 -31.54 24.56
N VAL B 16 22.94 -32.34 25.04
CA VAL B 16 24.05 -32.79 24.23
C VAL B 16 24.19 -34.31 24.22
N GLY B 17 23.52 -35.03 25.11
CA GLY B 17 23.70 -36.45 25.31
C GLY B 17 23.59 -37.33 24.08
N PHE B 18 24.06 -38.57 24.22
CA PHE B 18 24.13 -39.50 23.10
C PHE B 18 22.77 -39.82 22.50
N THR B 19 21.69 -39.62 23.26
CA THR B 19 20.36 -40.00 22.77
C THR B 19 19.95 -39.20 21.54
N MET B 20 20.25 -37.90 21.53
CA MET B 20 19.83 -37.08 20.39
C MET B 20 20.69 -37.30 19.15
N SER B 21 21.83 -37.97 19.27
CA SER B 21 22.64 -38.28 18.11
C SER B 21 22.09 -39.41 17.28
N ASN B 22 21.07 -40.13 17.78
CA ASN B 22 20.45 -41.22 17.04
C ASN B 22 19.68 -40.64 15.86
N SER B 23 20.22 -40.82 14.65
CA SER B 23 19.64 -40.25 13.44
C SER B 23 18.79 -41.31 12.75
N ILE B 24 17.48 -41.15 12.86
CA ILE B 24 16.56 -42.00 12.08
C ILE B 24 16.71 -41.68 10.60
N PRO B 25 16.86 -42.67 9.74
CA PRO B 25 17.06 -42.37 8.31
C PRO B 25 15.90 -41.57 7.74
N GLY B 26 16.24 -40.58 6.92
CA GLY B 26 15.26 -39.67 6.35
C GLY B 26 14.86 -38.51 7.24
N ILE B 27 15.34 -38.47 8.48
CA ILE B 27 15.02 -37.41 9.42
C ILE B 27 16.31 -36.89 10.03
N GLU B 28 16.49 -35.57 10.03
CA GLU B 28 17.64 -34.98 10.67
C GLU B 28 17.61 -35.22 12.18
N SER B 29 18.80 -35.41 12.76
CA SER B 29 18.88 -35.77 14.17
C SER B 29 18.42 -34.61 15.06
N PRO B 30 17.86 -34.93 16.22
CA PRO B 30 17.45 -33.86 17.15
C PRO B 30 18.58 -32.94 17.54
N PHE B 31 19.81 -33.45 17.63
CA PHE B 31 20.95 -32.58 17.92
C PHE B 31 21.12 -31.52 16.84
N GLU B 32 21.06 -31.92 15.58
CA GLU B 32 21.18 -30.97 14.48
C GLU B 32 20.01 -30.00 14.44
N GLN B 33 18.79 -30.50 14.71
CA GLN B 33 17.63 -29.62 14.71
C GLN B 33 17.74 -28.56 15.81
N ALA B 34 18.13 -28.97 17.02
CA ALA B 34 18.31 -28.03 18.10
C ALA B 34 19.42 -27.03 17.80
N LYS B 35 20.51 -27.51 17.19
CA LYS B 35 21.58 -26.62 16.79
C LYS B 35 21.08 -25.58 15.78
N LYS B 36 20.26 -26.00 14.83
CA LYS B 36 19.70 -25.06 13.85
C LYS B 36 18.80 -24.03 14.53
N VAL B 37 17.96 -24.47 15.47
CA VAL B 37 17.06 -23.54 16.15
C VAL B 37 17.86 -22.53 16.97
N ILE B 38 18.87 -23.00 17.69
CA ILE B 38 19.67 -22.10 18.51
C ILE B 38 20.47 -21.14 17.63
N THR B 39 20.95 -21.62 16.49
CA THR B 39 21.63 -20.73 15.55
C THR B 39 20.68 -19.67 15.02
N MET B 40 19.43 -20.06 14.73
CA MET B 40 18.43 -19.09 14.30
C MET B 40 18.22 -18.01 15.36
N PHE B 41 18.12 -18.41 16.62
CA PHE B 41 17.92 -17.44 17.69
C PHE B 41 19.12 -16.50 17.82
N VAL B 42 20.32 -17.07 17.88
CA VAL B 42 21.52 -16.25 18.10
C VAL B 42 21.82 -15.36 16.91
N GLN B 43 21.50 -15.79 15.70
CA GLN B 43 21.73 -14.96 14.52
C GLN B 43 20.94 -13.66 14.61
N ARG B 44 19.65 -13.74 14.93
CA ARG B 44 18.85 -12.54 15.11
C ARG B 44 19.35 -11.72 16.28
N GLN B 45 19.69 -12.39 17.40
CA GLN B 45 20.14 -11.65 18.57
C GLN B 45 21.45 -10.93 18.33
N VAL B 46 22.24 -11.39 17.36
CA VAL B 46 23.52 -10.76 17.08
C VAL B 46 23.36 -9.67 16.02
N PHE B 47 22.70 -9.99 14.91
CA PHE B 47 22.60 -9.07 13.79
C PHE B 47 21.52 -8.02 13.96
N ALA B 48 20.66 -8.14 14.98
CA ALA B 48 19.71 -7.09 15.32
C ALA B 48 20.26 -6.14 16.36
N GLU B 49 21.46 -6.40 16.87
CA GLU B 49 22.13 -5.54 17.86
C GLU B 49 21.26 -5.33 19.10
N ASN B 50 20.57 -6.37 19.53
CA ASN B 50 19.83 -6.32 20.76
C ASN B 50 20.78 -6.32 21.96
N LYS B 51 20.32 -5.71 23.05
CA LYS B 51 21.10 -5.63 24.27
C LYS B 51 20.89 -6.81 25.21
N ASP B 52 20.08 -7.79 24.81
CA ASP B 52 19.84 -8.96 25.65
C ASP B 52 21.11 -9.78 25.79
N GLU B 53 21.37 -10.27 27.00
CA GLU B 53 22.53 -11.10 27.28
C GLU B 53 22.12 -12.56 27.28
N ILE B 54 22.92 -13.40 26.63
CA ILE B 54 22.58 -14.80 26.38
C ILE B 54 23.65 -15.68 27.01
N ALA B 55 23.19 -16.70 27.74
CA ALA B 55 24.06 -17.74 28.26
C ALA B 55 23.66 -19.08 27.65
N LEU B 56 24.64 -19.97 27.51
CA LEU B 56 24.42 -21.29 26.92
C LEU B 56 24.87 -22.34 27.91
N VAL B 57 23.96 -23.24 28.27
CA VAL B 57 24.24 -24.33 29.21
C VAL B 57 24.03 -25.65 28.48
N LEU B 58 25.05 -26.50 28.49
CA LEU B 58 25.01 -27.80 27.83
C LEU B 58 25.04 -28.90 28.89
N PHE B 59 24.09 -29.83 28.81
CA PHE B 59 24.05 -30.96 29.72
C PHE B 59 24.04 -32.25 28.91
N GLY B 60 24.71 -33.26 29.45
CA GLY B 60 24.95 -34.50 28.73
C GLY B 60 26.33 -34.62 28.13
N THR B 61 27.22 -33.66 28.39
CA THR B 61 28.57 -33.69 27.86
C THR B 61 29.46 -34.57 28.73
N ASP B 62 30.61 -34.95 28.17
CA ASP B 62 31.56 -35.77 28.92
C ASP B 62 32.15 -35.01 30.10
N GLY B 63 32.48 -33.74 29.91
CA GLY B 63 33.06 -32.93 30.95
C GLY B 63 32.01 -32.30 31.86
N THR B 64 32.49 -31.71 32.94
CA THR B 64 31.62 -31.04 33.91
C THR B 64 32.20 -29.68 34.25
N ASP B 65 31.39 -28.64 34.13
CA ASP B 65 31.81 -27.29 34.52
C ASP B 65 30.57 -26.48 34.87
N ASN B 66 30.26 -26.37 36.16
CA ASN B 66 29.13 -25.58 36.64
C ASN B 66 29.34 -25.31 38.12
N PRO B 67 28.81 -24.19 38.64
CA PRO B 67 29.03 -23.88 40.05
C PRO B 67 28.06 -24.60 40.98
N LEU B 68 27.81 -25.88 40.70
CA LEU B 68 26.99 -26.70 41.58
C LEU B 68 27.54 -28.10 41.78
N SER B 69 28.65 -28.45 41.14
CA SER B 69 29.20 -29.79 41.22
C SER B 69 30.06 -29.94 42.47
N GLY B 70 29.76 -30.96 43.26
CA GLY B 70 30.54 -31.26 44.45
C GLY B 70 30.86 -32.73 44.56
N GLY B 71 30.56 -33.49 43.50
CA GLY B 71 30.84 -34.91 43.46
C GLY B 71 29.59 -35.77 43.48
N ASP B 72 29.20 -36.26 42.30
CA ASP B 72 28.02 -37.11 42.11
C ASP B 72 26.71 -36.33 42.31
N GLN B 73 26.69 -35.07 41.89
CA GLN B 73 25.44 -34.35 41.70
C GLN B 73 25.63 -33.31 40.61
N TYR B 74 24.61 -33.14 39.78
CA TYR B 74 24.65 -32.22 38.64
C TYR B 74 25.86 -32.51 37.75
N GLN B 75 26.13 -33.79 37.53
CA GLN B 75 27.23 -34.19 36.69
C GLN B 75 26.85 -34.12 35.21
N ASN B 76 27.87 -34.09 34.35
CA ASN B 76 27.71 -34.06 32.90
C ASN B 76 26.94 -32.83 32.43
N ILE B 77 27.03 -31.75 33.18
CA ILE B 77 26.43 -30.47 32.81
C ILE B 77 27.53 -29.41 32.83
N THR B 78 27.66 -28.67 31.74
CA THR B 78 28.70 -27.65 31.62
C THR B 78 28.07 -26.33 31.18
N VAL B 79 28.59 -25.24 31.71
CA VAL B 79 28.14 -23.89 31.35
C VAL B 79 29.10 -23.40 30.27
N HIS B 80 28.68 -23.58 29.01
CA HIS B 80 29.54 -23.21 27.88
C HIS B 80 29.74 -21.70 27.82
N ARG B 81 28.68 -20.92 28.05
CA ARG B 81 28.74 -19.47 27.92
C ARG B 81 27.94 -18.84 29.05
N HIS B 82 28.50 -17.80 29.66
CA HIS B 82 27.81 -17.07 30.72
C HIS B 82 26.95 -15.97 30.12
N LEU B 83 26.30 -15.18 30.99
CA LEU B 83 25.47 -14.08 30.54
C LEU B 83 26.34 -12.96 30.02
N MET B 84 26.31 -12.74 28.71
CA MET B 84 26.99 -11.62 28.07
C MET B 84 26.37 -11.43 26.70
N LEU B 85 26.75 -10.34 26.04
CA LEU B 85 26.21 -10.06 24.72
C LEU B 85 26.64 -11.13 23.74
N PRO B 86 25.72 -11.71 22.97
CA PRO B 86 26.11 -12.72 21.99
C PRO B 86 26.97 -12.12 20.89
N ASP B 87 27.83 -12.96 20.32
CA ASP B 87 28.79 -12.48 19.33
C ASP B 87 29.18 -13.62 18.39
N PHE B 88 30.04 -13.28 17.44
CA PHE B 88 30.48 -14.26 16.44
C PHE B 88 31.29 -15.37 17.07
N ASP B 89 31.92 -15.12 18.22
CA ASP B 89 32.58 -16.22 18.94
C ASP B 89 31.56 -17.27 19.37
N LEU B 90 30.45 -16.82 19.95
CA LEU B 90 29.38 -17.76 20.32
C LEU B 90 28.80 -18.43 19.10
N LEU B 91 28.61 -17.68 18.00
CA LEU B 91 28.05 -18.28 16.79
C LEU B 91 28.97 -19.37 16.24
N GLU B 92 30.28 -19.12 16.22
CA GLU B 92 31.23 -20.12 15.76
C GLU B 92 31.26 -21.32 16.69
N ASP B 93 31.19 -21.09 18.00
CA ASP B 93 31.15 -22.19 18.96
C ASP B 93 29.94 -23.07 18.69
N ILE B 94 28.78 -22.45 18.46
CA ILE B 94 27.56 -23.21 18.17
C ILE B 94 27.71 -23.99 16.87
N GLU B 95 28.27 -23.34 15.84
CA GLU B 95 28.34 -23.99 14.53
C GLU B 95 29.30 -25.17 14.52
N SER B 96 30.48 -25.02 15.11
CA SER B 96 31.47 -26.07 14.89
C SER B 96 32.08 -26.63 16.17
N LYS B 97 32.33 -25.80 17.18
CA LYS B 97 33.12 -26.24 18.32
C LYS B 97 32.32 -27.07 19.32
N ILE B 98 31.00 -27.09 19.20
CA ILE B 98 30.17 -27.91 20.08
C ILE B 98 29.92 -29.26 19.42
N GLN B 99 30.26 -30.32 20.13
CA GLN B 99 30.13 -31.68 19.62
C GLN B 99 29.20 -32.50 20.52
N PRO B 100 28.47 -33.46 19.95
CA PRO B 100 27.61 -34.31 20.77
C PRO B 100 28.42 -35.14 21.75
N GLY B 101 27.84 -35.37 22.93
CA GLY B 101 28.47 -36.13 23.97
C GLY B 101 28.04 -37.59 23.97
N SER B 102 28.54 -38.32 24.97
CA SER B 102 28.23 -39.73 25.13
C SER B 102 27.57 -40.04 26.48
N GLN B 103 27.45 -39.05 27.36
CA GLN B 103 26.84 -39.24 28.67
C GLN B 103 25.38 -38.83 28.65
N GLN B 104 24.72 -39.00 29.81
CA GLN B 104 23.34 -38.60 29.98
C GLN B 104 23.21 -37.77 31.25
N ALA B 105 22.33 -36.78 31.20
CA ALA B 105 22.12 -35.88 32.33
C ALA B 105 20.63 -35.64 32.51
N ASP B 106 20.27 -35.18 33.70
CA ASP B 106 18.88 -34.89 34.03
C ASP B 106 18.51 -33.50 33.52
N PHE B 107 17.41 -33.41 32.79
CA PHE B 107 16.96 -32.15 32.23
C PHE B 107 16.42 -31.25 33.32
N LEU B 108 16.16 -31.81 34.51
CA LEU B 108 15.81 -31.04 35.69
C LEU B 108 17.02 -30.54 36.45
N ASP B 109 18.07 -31.35 36.56
CA ASP B 109 19.32 -30.86 37.12
C ASP B 109 19.90 -29.75 36.24
N ALA B 110 19.78 -29.89 34.92
CA ALA B 110 20.21 -28.84 34.01
C ALA B 110 19.39 -27.57 34.24
N LEU B 111 18.09 -27.72 34.48
CA LEU B 111 17.27 -26.56 34.79
C LEU B 111 17.71 -25.90 36.08
N ILE B 112 18.07 -26.71 37.09
CA ILE B 112 18.62 -26.17 38.33
C ILE B 112 19.87 -25.35 38.05
N VAL B 113 20.78 -25.90 37.24
CA VAL B 113 22.03 -25.21 36.93
C VAL B 113 21.75 -23.89 36.21
N SER B 114 20.83 -23.92 35.25
CA SER B 114 20.53 -22.71 34.49
C SER B 114 19.86 -21.65 35.35
N MET B 115 18.96 -22.05 36.25
CA MET B 115 18.38 -21.09 37.18
C MET B 115 19.43 -20.52 38.12
N ASP B 116 20.39 -21.36 38.53
CA ASP B 116 21.51 -20.85 39.34
C ASP B 116 22.31 -19.82 38.56
N VAL B 117 22.54 -20.06 37.27
CA VAL B 117 23.24 -19.10 36.43
C VAL B 117 22.47 -17.79 36.38
N ILE B 118 21.17 -17.86 36.15
CA ILE B 118 20.34 -16.65 36.10
C ILE B 118 20.45 -15.89 37.42
N GLN B 119 20.27 -16.58 38.54
CA GLN B 119 20.23 -15.92 39.84
C GLN B 119 21.58 -15.29 40.19
N HIS B 120 22.68 -15.99 39.94
CA HIS B 120 23.99 -15.53 40.38
C HIS B 120 24.77 -14.77 39.32
N GLU B 121 24.20 -14.55 38.13
CA GLU B 121 24.78 -13.62 37.18
C GLU B 121 23.86 -12.45 36.85
N THR B 122 22.61 -12.47 37.31
CA THR B 122 21.73 -11.32 37.14
C THR B 122 22.06 -10.19 38.11
N ILE B 123 22.61 -10.51 39.28
CA ILE B 123 22.91 -9.48 40.28
C ILE B 123 23.91 -8.48 39.71
N GLY B 124 23.74 -7.22 40.09
CA GLY B 124 24.57 -6.15 39.59
C GLY B 124 24.13 -5.58 38.25
N LYS B 125 23.08 -6.13 37.64
CA LYS B 125 22.59 -5.66 36.36
C LYS B 125 21.06 -5.62 36.40
N LYS B 126 20.48 -4.76 35.56
CA LYS B 126 19.04 -4.57 35.50
C LYS B 126 18.47 -5.34 34.33
N PHE B 127 17.60 -6.30 34.62
CA PHE B 127 16.95 -7.12 33.61
C PHE B 127 15.44 -7.07 33.83
N GLU B 128 14.70 -6.65 32.80
CA GLU B 128 13.25 -6.63 32.91
C GLU B 128 12.67 -8.03 32.77
N LYS B 129 13.35 -8.91 32.03
CA LYS B 129 12.88 -10.27 31.82
C LYS B 129 14.02 -11.26 32.03
N ARG B 130 13.67 -12.44 32.55
CA ARG B 130 14.62 -13.53 32.75
C ARG B 130 14.02 -14.76 32.08
N HIS B 131 14.31 -14.93 30.79
CA HIS B 131 13.79 -16.05 30.01
C HIS B 131 14.78 -17.20 30.01
N ILE B 132 14.27 -18.38 29.68
CA ILE B 132 15.08 -19.60 29.59
C ILE B 132 14.39 -20.56 28.64
N GLU B 133 15.18 -21.25 27.82
CA GLU B 133 14.67 -22.20 26.85
C GLU B 133 15.44 -23.51 26.98
N ILE B 134 14.72 -24.62 26.92
CA ILE B 134 15.28 -25.95 27.10
C ILE B 134 15.08 -26.75 25.83
N PHE B 135 16.17 -27.28 25.29
CA PHE B 135 16.16 -28.12 24.10
C PHE B 135 16.58 -29.52 24.51
N THR B 136 15.63 -30.46 24.48
CA THR B 136 15.93 -31.83 24.89
C THR B 136 14.92 -32.77 24.25
N ASP B 137 15.26 -34.05 24.24
CA ASP B 137 14.39 -35.09 23.71
C ASP B 137 13.68 -35.89 24.80
N LEU B 138 13.99 -35.61 26.07
CA LEU B 138 13.35 -36.24 27.23
C LEU B 138 13.56 -37.75 27.28
N SER B 139 14.45 -38.29 26.46
CA SER B 139 14.69 -39.73 26.42
C SER B 139 15.87 -40.10 27.32
N SER B 140 15.72 -39.78 28.61
CA SER B 140 16.74 -40.09 29.59
C SER B 140 16.09 -40.24 30.95
N ARG B 141 16.70 -41.05 31.81
CA ARG B 141 16.20 -41.27 33.16
C ARG B 141 16.45 -40.01 33.98
N PHE B 142 15.41 -39.53 34.66
CA PHE B 142 15.48 -38.31 35.45
C PHE B 142 14.88 -38.55 36.83
N SER B 143 15.41 -37.85 37.82
CA SER B 143 14.93 -37.94 39.20
C SER B 143 13.92 -36.83 39.44
N LYS B 144 12.66 -37.21 39.64
CA LYS B 144 11.59 -36.23 39.86
C LYS B 144 11.37 -35.99 41.36
N SER B 145 12.42 -35.49 42.00
CA SER B 145 12.38 -35.21 43.43
C SER B 145 12.53 -33.74 43.78
N GLN B 146 12.74 -32.87 42.79
CA GLN B 146 12.94 -31.45 43.04
C GLN B 146 11.90 -30.58 42.34
N LEU B 147 10.76 -31.17 41.96
CA LEU B 147 9.77 -30.42 41.20
C LEU B 147 9.21 -29.25 42.00
N ASP B 148 8.91 -29.48 43.29
CA ASP B 148 8.35 -28.40 44.10
C ASP B 148 9.33 -27.24 44.22
N ILE B 149 10.61 -27.55 44.46
CA ILE B 149 11.62 -26.50 44.56
C ILE B 149 11.75 -25.76 43.23
N ILE B 150 11.74 -26.51 42.12
CA ILE B 150 11.86 -25.88 40.81
C ILE B 150 10.71 -24.90 40.57
N ILE B 151 9.49 -25.35 40.81
CA ILE B 151 8.32 -24.52 40.55
C ILE B 151 8.33 -23.29 41.46
N HIS B 152 8.63 -23.50 42.75
CA HIS B 152 8.64 -22.37 43.68
C HIS B 152 9.69 -21.34 43.32
N SER B 153 10.89 -21.79 42.97
CA SER B 153 11.95 -20.85 42.60
C SER B 153 11.61 -20.11 41.31
N LEU B 154 11.06 -20.82 40.32
CA LEU B 154 10.69 -20.17 39.06
C LEU B 154 9.59 -19.13 39.29
N LYS B 155 8.60 -19.44 40.12
CA LYS B 155 7.55 -18.47 40.41
C LYS B 155 8.09 -17.28 41.19
N LYS B 156 8.97 -17.52 42.16
CA LYS B 156 9.48 -16.43 42.99
C LYS B 156 10.40 -15.50 42.20
N CYS B 157 11.27 -16.06 41.35
CA CYS B 157 12.24 -15.26 40.61
C CYS B 157 11.65 -14.65 39.34
N ASP B 158 10.40 -14.96 39.01
CA ASP B 158 9.74 -14.42 37.82
C ASP B 158 10.52 -14.77 36.56
N ILE B 159 10.73 -16.08 36.37
CA ILE B 159 11.48 -16.61 35.24
C ILE B 159 10.51 -17.36 34.35
N SER B 160 10.48 -17.01 33.07
CA SER B 160 9.63 -17.70 32.10
C SER B 160 10.21 -19.08 31.79
N LEU B 161 9.54 -19.79 30.88
CA LEU B 161 9.97 -21.11 30.44
C LEU B 161 9.44 -21.36 29.03
N GLN B 162 10.24 -22.07 28.24
CA GLN B 162 9.81 -22.66 26.99
C GLN B 162 10.49 -24.00 26.82
N PHE B 163 9.83 -24.90 26.10
CA PHE B 163 10.34 -26.25 25.87
C PHE B 163 10.30 -26.57 24.39
N PHE B 164 11.38 -27.15 23.89
CA PHE B 164 11.49 -27.56 22.50
C PHE B 164 11.87 -29.02 22.44
N LEU B 165 11.09 -29.82 21.74
CA LEU B 165 11.23 -31.26 21.68
C LEU B 165 11.25 -31.72 20.23
N PRO B 166 11.82 -32.89 19.95
CA PRO B 166 11.85 -33.39 18.57
C PRO B 166 10.47 -33.66 17.99
N PHE B 167 9.45 -33.82 18.82
CA PHE B 167 8.11 -34.16 18.36
C PHE B 167 7.13 -33.07 18.76
N SER B 168 6.13 -32.86 17.91
CA SER B 168 5.09 -31.88 18.22
C SER B 168 4.14 -32.43 19.28
N LEU B 169 3.56 -31.50 20.06
CA LEU B 169 2.65 -31.91 21.12
C LEU B 169 1.38 -32.55 20.56
N GLY B 170 0.83 -31.98 19.50
CA GLY B 170 -0.38 -32.52 18.90
C GLY B 170 -1.62 -32.29 19.74
N GLY B 181 3.20 -38.57 4.84
CA GLY B 181 4.29 -38.36 3.91
C GLY B 181 5.65 -38.32 4.59
N PRO B 182 6.71 -38.16 3.80
CA PRO B 182 8.05 -38.08 4.37
C PRO B 182 8.20 -36.87 5.28
N PHE B 183 8.99 -37.04 6.35
CA PHE B 183 9.25 -35.94 7.25
C PHE B 183 10.07 -34.87 6.53
N ARG B 184 9.68 -33.61 6.74
CA ARG B 184 10.31 -32.48 6.08
C ARG B 184 10.50 -31.36 7.08
N LEU B 185 11.75 -31.04 7.38
CA LEU B 185 12.07 -30.07 8.42
C LEU B 185 11.55 -28.69 8.05
N GLY B 186 10.87 -28.05 8.99
CA GLY B 186 10.34 -26.72 8.79
C GLY B 186 9.08 -26.64 7.97
N GLY B 187 8.54 -27.78 7.53
CA GLY B 187 7.36 -27.78 6.69
C GLY B 187 6.07 -27.65 7.48
N HIS B 188 4.97 -27.57 6.74
CA HIS B 188 3.63 -27.48 7.31
C HIS B 188 2.98 -28.86 7.18
N GLY B 189 3.25 -29.72 8.15
CA GLY B 189 2.73 -31.06 8.14
C GLY B 189 3.07 -31.81 9.41
N PRO B 190 2.88 -33.13 9.39
CA PRO B 190 3.19 -33.92 10.59
C PRO B 190 4.67 -33.82 10.95
N SER B 191 4.93 -33.76 12.25
CA SER B 191 6.29 -33.76 12.79
C SER B 191 6.76 -35.20 12.92
N PHE B 192 7.85 -35.42 13.66
CA PHE B 192 8.34 -36.75 14.03
C PHE B 192 7.16 -37.65 14.38
N PRO B 193 7.09 -38.86 13.81
CA PRO B 193 5.89 -39.68 13.94
C PRO B 193 5.56 -39.99 15.40
N LEU B 194 4.27 -40.01 15.70
CA LEU B 194 3.79 -40.31 17.05
C LEU B 194 3.66 -41.81 17.28
N LYS B 195 4.74 -42.53 17.00
CA LYS B 195 4.79 -43.98 17.22
C LYS B 195 6.09 -44.48 17.81
N GLY B 196 7.16 -43.69 17.80
CA GLY B 196 8.43 -44.14 18.34
C GLY B 196 8.77 -43.56 19.69
N ILE B 197 7.79 -42.96 20.35
CA ILE B 197 7.99 -42.33 21.65
C ILE B 197 8.00 -43.41 22.72
N THR B 198 9.10 -43.48 23.47
CA THR B 198 9.25 -44.47 24.52
C THR B 198 8.55 -44.00 25.80
N GLU B 199 8.43 -44.94 26.75
CA GLU B 199 7.78 -44.62 28.02
C GLU B 199 8.57 -43.60 28.82
N GLN B 200 9.91 -43.61 28.70
CA GLN B 200 10.72 -42.58 29.33
C GLN B 200 10.38 -41.20 28.77
N GLN B 201 10.22 -41.12 27.45
CA GLN B 201 9.82 -39.86 26.82
C GLN B 201 8.41 -39.46 27.26
N LYS B 202 7.52 -40.45 27.44
CA LYS B 202 6.18 -40.15 27.93
C LYS B 202 6.22 -39.54 29.32
N GLU B 203 7.03 -40.12 30.21
CA GLU B 203 7.17 -39.59 31.56
C GLU B 203 7.76 -38.18 31.54
N GLY B 204 8.79 -37.98 30.73
CA GLY B 204 9.34 -36.64 30.59
C GLY B 204 8.34 -35.64 30.08
N LEU B 205 7.54 -36.04 29.09
CA LEU B 205 6.54 -35.15 28.51
C LEU B 205 5.47 -34.77 29.53
N GLU B 206 5.01 -35.74 30.33
CA GLU B 206 3.98 -35.42 31.31
C GLU B 206 4.55 -34.55 32.43
N ILE B 207 5.83 -34.76 32.79
CA ILE B 207 6.46 -33.87 33.76
C ILE B 207 6.56 -32.44 33.21
N VAL B 208 6.94 -32.30 31.95
CA VAL B 208 7.02 -30.97 31.33
C VAL B 208 5.65 -30.32 31.30
N LYS B 209 4.61 -31.10 30.96
CA LYS B 209 3.26 -30.57 30.94
C LYS B 209 2.85 -30.06 32.32
N MET B 210 3.14 -30.84 33.36
CA MET B 210 2.79 -30.43 34.72
C MET B 210 3.56 -29.15 35.10
N VAL B 211 4.83 -29.07 34.73
CA VAL B 211 5.63 -27.89 35.07
C VAL B 211 5.05 -26.65 34.40
N MET B 212 4.72 -26.75 33.11
CA MET B 212 4.16 -25.60 32.41
C MET B 212 2.82 -25.20 33.01
N ILE B 213 2.00 -26.20 33.36
CA ILE B 213 0.70 -25.94 33.98
C ILE B 213 0.90 -25.15 35.27
N SER B 214 1.78 -25.65 36.15
CA SER B 214 2.02 -25.01 37.44
C SER B 214 2.60 -23.61 37.30
N LEU B 215 3.45 -23.37 36.30
CA LEU B 215 3.99 -22.03 36.12
C LEU B 215 2.96 -21.03 35.63
N GLU B 216 2.17 -21.35 34.62
CA GLU B 216 1.31 -20.30 34.06
C GLU B 216 -0.18 -20.52 34.30
N GLY B 217 -0.70 -21.72 34.08
CA GLY B 217 -2.14 -21.90 33.94
C GLY B 217 -2.50 -22.90 32.86
N GLU B 218 -3.25 -22.45 31.83
CA GLU B 218 -3.65 -23.35 30.75
C GLU B 218 -2.89 -23.15 29.45
N ASP B 219 -2.35 -21.96 29.20
CA ASP B 219 -1.79 -21.59 27.90
C ASP B 219 -0.34 -22.02 27.71
N GLY B 220 0.29 -22.63 28.72
CA GLY B 220 1.65 -23.13 28.55
C GLY B 220 1.73 -24.31 27.60
N LEU B 221 0.64 -25.08 27.48
CA LEU B 221 0.63 -26.18 26.53
C LEU B 221 0.87 -25.67 25.11
N ASP B 222 0.60 -24.39 24.88
CA ASP B 222 0.98 -23.72 23.64
C ASP B 222 2.46 -23.34 23.61
N GLU B 223 3.13 -23.31 24.77
CA GLU B 223 4.54 -22.97 24.88
C GLU B 223 5.44 -24.20 24.92
N ILE B 224 4.96 -25.32 24.38
CA ILE B 224 5.79 -26.50 24.15
C ILE B 224 5.85 -26.71 22.65
N TYR B 225 7.03 -26.51 22.08
CA TYR B 225 7.20 -26.49 20.64
C TYR B 225 8.07 -27.65 20.17
N SER B 226 8.07 -27.84 18.86
CA SER B 226 8.99 -28.77 18.21
C SER B 226 9.98 -27.98 17.37
N PHE B 227 11.14 -28.58 17.11
CA PHE B 227 12.17 -27.89 16.34
C PHE B 227 11.67 -27.53 14.95
N SER B 228 10.97 -28.47 14.29
CA SER B 228 10.49 -28.23 12.94
C SER B 228 9.51 -27.07 12.89
N GLU B 229 8.59 -27.00 13.86
CA GLU B 229 7.63 -25.90 13.88
C GLU B 229 8.21 -24.64 14.47
N SER B 230 9.24 -24.74 15.31
CA SER B 230 9.91 -23.54 15.82
C SER B 230 10.79 -22.88 14.78
N LEU B 231 11.26 -23.64 13.79
CA LEU B 231 12.06 -23.05 12.73
C LEU B 231 11.24 -22.15 11.81
N ARG B 232 9.92 -22.28 11.83
CA ARG B 232 9.04 -21.47 11.00
C ARG B 232 8.15 -20.56 11.84
N LYS B 233 8.60 -20.19 13.03
CA LYS B 233 7.84 -19.33 13.91
C LYS B 233 8.79 -18.42 14.67
N LEU B 234 8.23 -17.32 15.19
CA LEU B 234 8.96 -16.39 16.05
C LEU B 234 8.79 -16.72 17.53
N CYS B 235 8.47 -17.97 17.85
CA CYS B 235 8.18 -18.35 19.21
C CYS B 235 9.38 -18.24 20.14
N VAL B 236 10.60 -18.35 19.60
CA VAL B 236 11.78 -18.24 20.44
C VAL B 236 11.94 -16.82 20.97
N PHE B 237 11.54 -15.83 20.19
CA PHE B 237 11.62 -14.43 20.59
C PHE B 237 10.34 -13.93 21.25
N LYS B 238 9.36 -14.81 21.50
CA LYS B 238 8.08 -14.36 22.03
C LYS B 238 8.22 -13.75 23.41
N LYS B 239 9.01 -14.37 24.29
CA LYS B 239 9.12 -13.91 25.66
C LYS B 239 10.10 -12.76 25.83
N ILE B 240 10.82 -12.37 24.79
CA ILE B 240 11.77 -11.26 24.86
C ILE B 240 11.46 -10.18 23.84
N GLU B 241 10.36 -10.31 23.10
CA GLU B 241 9.94 -9.26 22.18
C GLU B 241 9.58 -7.99 22.96
N ARG B 242 9.93 -6.85 22.39
CA ARG B 242 9.66 -5.55 23.01
C ARG B 242 8.41 -4.95 22.42
N HIS B 243 7.51 -4.49 23.28
CA HIS B 243 6.27 -3.87 22.83
C HIS B 243 6.51 -2.44 22.37
N SER B 244 5.79 -2.03 21.33
CA SER B 244 5.95 -0.71 20.76
C SER B 244 5.41 0.36 21.71
N ILE B 245 5.85 1.59 21.48
CA ILE B 245 5.42 2.72 22.30
C ILE B 245 4.02 3.16 21.87
N HIS B 246 3.28 3.73 22.81
CA HIS B 246 1.92 4.16 22.56
C HIS B 246 1.88 5.59 22.03
N TRP B 247 0.77 5.92 21.38
CA TRP B 247 0.55 7.26 20.85
C TRP B 247 -0.64 7.89 21.56
N PRO B 248 -0.43 8.68 22.60
CA PRO B 248 -1.55 9.23 23.36
C PRO B 248 -2.28 10.32 22.59
N CYS B 249 -3.61 10.26 22.64
CA CYS B 249 -4.47 11.25 22.00
C CYS B 249 -5.85 11.15 22.62
N ARG B 250 -6.80 11.88 22.05
CA ARG B 250 -8.18 11.85 22.50
C ARG B 250 -9.10 11.60 21.31
N LEU B 251 -10.02 10.65 21.46
CA LEU B 251 -11.04 10.38 20.46
C LEU B 251 -12.21 11.32 20.73
N THR B 252 -12.38 12.32 19.87
CA THR B 252 -13.37 13.36 20.07
C THR B 252 -14.56 13.16 19.14
N ILE B 253 -15.75 13.13 19.72
CA ILE B 253 -17.00 13.10 18.97
C ILE B 253 -17.69 14.44 19.22
N GLY B 254 -17.81 15.26 18.18
CA GLY B 254 -18.30 16.60 18.39
C GLY B 254 -17.25 17.44 19.12
N SER B 255 -17.73 18.41 19.88
CA SER B 255 -16.85 19.29 20.64
C SER B 255 -17.11 19.21 22.14
N ASN B 256 -17.84 18.19 22.61
CA ASN B 256 -18.12 18.06 24.03
C ASN B 256 -17.93 16.64 24.55
N LEU B 257 -17.49 15.70 23.71
CA LEU B 257 -17.31 14.31 24.11
C LEU B 257 -15.91 13.88 23.69
N SER B 258 -15.02 13.72 24.68
CA SER B 258 -13.64 13.32 24.44
C SER B 258 -13.34 12.05 25.24
N ILE B 259 -12.64 11.12 24.60
CA ILE B 259 -12.24 9.87 25.23
C ILE B 259 -10.72 9.74 25.10
N ARG B 260 -10.03 9.63 26.24
CA ARG B 260 -8.59 9.46 26.22
C ARG B 260 -8.25 8.08 25.67
N ILE B 261 -7.35 8.03 24.68
CA ILE B 261 -7.02 6.80 23.98
C ILE B 261 -5.52 6.66 23.89
N ALA B 262 -5.09 5.44 23.58
CA ALA B 262 -3.70 5.12 23.26
C ALA B 262 -3.71 4.19 22.06
N ALA B 263 -2.91 4.54 21.04
CA ALA B 263 -2.90 3.81 19.78
C ALA B 263 -1.57 3.12 19.58
N TYR B 264 -1.61 1.87 19.17
CA TYR B 264 -0.42 1.08 18.88
C TYR B 264 -0.47 0.60 17.43
N LYS B 265 0.70 0.40 16.84
CA LYS B 265 0.79 -0.08 15.47
C LYS B 265 0.66 -1.60 15.46
N SER B 266 -0.40 -2.11 14.84
CA SER B 266 -0.59 -3.55 14.75
C SER B 266 0.30 -4.16 13.68
N ILE B 267 0.08 -3.76 12.43
CA ILE B 267 0.84 -4.27 11.29
C ILE B 267 1.73 -3.14 10.79
N LEU B 268 3.04 -3.37 10.80
CA LEU B 268 4.00 -2.42 10.30
C LEU B 268 5.15 -3.20 9.69
N GLN B 269 5.29 -3.12 8.37
CA GLN B 269 6.29 -3.93 7.68
C GLN B 269 7.69 -3.65 8.21
N GLU B 270 8.41 -4.71 8.53
CA GLU B 270 9.74 -4.59 9.12
C GLU B 270 10.79 -4.66 8.01
N ARG B 271 11.78 -3.78 8.10
CA ARG B 271 12.86 -3.70 7.13
C ARG B 271 14.18 -3.77 7.86
N VAL B 272 15.24 -4.07 7.09
CA VAL B 272 16.57 -4.18 7.68
C VAL B 272 17.02 -2.82 8.19
N LYS B 273 17.51 -2.78 9.43
CA LYS B 273 17.93 -1.52 10.02
C LYS B 273 19.32 -1.12 9.56
N LYS B 274 20.24 -2.09 9.49
CA LYS B 274 21.60 -1.78 9.07
C LYS B 274 21.66 -1.51 7.58
N THR B 275 22.51 -0.56 7.20
CA THR B 275 22.66 -0.15 5.81
C THR B 275 24.01 -0.58 5.26
N TRP B 276 24.03 -0.91 3.97
CA TRP B 276 25.24 -1.36 3.29
C TRP B 276 26.14 -0.16 3.04
N THR B 277 27.16 0.02 3.87
CA THR B 277 28.12 1.10 3.66
C THR B 277 29.01 0.79 2.47
N VAL B 278 29.23 1.81 1.64
CA VAL B 278 30.11 1.68 0.48
C VAL B 278 31.52 2.05 0.91
N VAL B 279 32.46 1.13 0.68
CA VAL B 279 33.85 1.32 1.07
C VAL B 279 34.75 1.02 -0.12
N ASP B 280 35.99 1.49 -0.04
CA ASP B 280 36.96 1.28 -1.09
C ASP B 280 37.29 -0.21 -1.21
N ALA B 281 37.50 -0.66 -2.45
CA ALA B 281 37.76 -2.07 -2.71
C ALA B 281 39.11 -2.54 -2.19
N LYS B 282 40.00 -1.64 -1.79
CA LYS B 282 41.33 -2.00 -1.33
C LYS B 282 41.51 -1.80 0.17
N THR B 283 41.27 -0.59 0.67
CA THR B 283 41.44 -0.32 2.09
C THR B 283 40.19 -0.64 2.92
N LEU B 284 39.06 -0.90 2.28
CA LEU B 284 37.81 -1.25 2.97
C LEU B 284 37.44 -0.21 4.01
N LYS B 285 37.58 1.07 3.66
CA LYS B 285 37.26 2.17 4.55
C LYS B 285 36.32 3.14 3.86
N LYS B 286 35.32 3.60 4.61
CA LYS B 286 34.36 4.57 4.05
C LYS B 286 34.92 5.98 4.08
N GLU B 287 35.99 6.22 4.85
CA GLU B 287 36.54 7.57 4.94
C GLU B 287 37.17 8.00 3.63
N ASP B 288 37.83 7.08 2.92
CA ASP B 288 38.52 7.45 1.69
C ASP B 288 37.56 7.65 0.52
N ILE B 289 36.31 7.23 0.65
CA ILE B 289 35.33 7.33 -0.42
C ILE B 289 34.22 8.26 0.04
N GLN B 290 34.02 9.35 -0.68
CA GLN B 290 32.97 10.32 -0.37
C GLN B 290 32.35 10.83 -1.66
N LYS B 291 31.03 11.02 -1.63
CA LYS B 291 30.27 11.43 -2.80
C LYS B 291 30.16 12.95 -2.88
N GLU B 292 29.67 13.42 -4.01
CA GLU B 292 29.41 14.84 -4.22
C GLU B 292 28.30 15.00 -5.24
N THR B 293 27.70 16.18 -5.26
CA THR B 293 26.66 16.53 -6.22
C THR B 293 27.15 17.66 -7.11
N VAL B 294 26.86 17.56 -8.41
CA VAL B 294 27.30 18.52 -9.40
C VAL B 294 26.07 19.17 -10.02
N TYR B 295 26.04 20.50 -10.02
CA TYR B 295 24.97 21.27 -10.62
C TYR B 295 25.48 21.90 -11.91
N CYS B 296 24.89 21.53 -13.04
CA CYS B 296 25.30 22.04 -14.34
C CYS B 296 24.08 22.35 -15.18
N LEU B 297 24.25 23.27 -16.12
CA LEU B 297 23.16 23.66 -16.99
C LEU B 297 22.74 22.51 -17.90
N ASN B 298 21.44 22.43 -18.18
CA ASN B 298 20.91 21.34 -18.98
C ASN B 298 21.37 21.38 -20.43
N ASP B 299 21.74 22.56 -20.93
CA ASP B 299 22.16 22.69 -22.32
C ASP B 299 23.60 22.23 -22.47
N ASP B 300 24.17 22.44 -23.66
CA ASP B 300 25.55 22.05 -23.90
C ASP B 300 26.51 22.96 -23.12
N ASP B 301 27.78 22.55 -23.09
CA ASP B 301 28.84 23.26 -22.36
C ASP B 301 28.46 23.38 -20.88
N GLU B 302 28.39 22.22 -20.24
CA GLU B 302 28.00 22.15 -18.83
C GLU B 302 28.96 22.96 -17.97
N THR B 303 28.42 23.93 -17.24
CA THR B 303 29.19 24.80 -16.37
C THR B 303 28.79 24.56 -14.93
N GLU B 304 29.78 24.59 -14.03
CA GLU B 304 29.51 24.38 -12.62
C GLU B 304 28.65 25.51 -12.07
N VAL B 305 27.66 25.15 -11.24
CA VAL B 305 26.75 26.10 -10.62
C VAL B 305 27.00 26.08 -9.12
N LEU B 306 27.18 27.25 -8.52
CA LEU B 306 27.42 27.33 -7.09
C LEU B 306 26.21 26.81 -6.31
N LYS B 307 26.47 26.30 -5.12
CA LYS B 307 25.45 25.69 -4.28
C LYS B 307 24.34 26.66 -3.93
N GLU B 308 24.71 27.89 -3.57
CA GLU B 308 23.71 28.87 -3.15
C GLU B 308 23.07 29.62 -4.31
N ASP B 309 23.56 29.45 -5.54
CA ASP B 309 22.99 30.13 -6.69
C ASP B 309 21.82 29.38 -7.31
N ILE B 310 21.17 28.49 -6.57
CA ILE B 310 20.04 27.72 -7.07
C ILE B 310 18.85 27.95 -6.14
N ILE B 311 17.70 28.24 -6.72
CA ILE B 311 16.47 28.48 -5.98
C ILE B 311 15.44 27.42 -6.38
N GLN B 312 14.48 27.19 -5.49
CA GLN B 312 13.44 26.21 -5.73
C GLN B 312 12.51 26.67 -6.85
N GLY B 313 11.94 25.71 -7.56
CA GLY B 313 11.00 26.01 -8.61
C GLY B 313 9.93 24.94 -8.69
N PHE B 314 9.00 25.13 -9.61
CA PHE B 314 7.91 24.19 -9.81
C PHE B 314 7.45 24.23 -11.26
N ARG B 315 6.81 23.15 -11.69
CA ARG B 315 6.26 23.05 -13.04
C ARG B 315 4.79 23.44 -13.02
N TYR B 316 4.41 24.32 -13.94
CA TYR B 316 3.01 24.70 -14.16
C TYR B 316 2.76 24.58 -15.66
N GLY B 317 2.37 23.38 -16.09
CA GLY B 317 2.20 23.15 -17.52
C GLY B 317 3.53 23.18 -18.23
N SER B 318 3.64 23.99 -19.27
CA SER B 318 4.87 24.12 -20.03
C SER B 318 5.82 25.17 -19.46
N ASP B 319 5.43 25.85 -18.38
CA ASP B 319 6.25 26.90 -17.78
C ASP B 319 6.77 26.46 -16.42
N ILE B 320 7.71 27.25 -15.90
CA ILE B 320 8.29 27.03 -14.58
C ILE B 320 8.17 28.31 -13.77
N VAL B 321 7.85 28.17 -12.49
CA VAL B 321 7.68 29.33 -11.62
C VAL B 321 8.56 29.17 -10.37
N PRO B 322 9.19 30.25 -9.90
CA PRO B 322 9.97 30.16 -8.67
C PRO B 322 9.07 30.11 -7.44
N PHE B 323 9.42 29.24 -6.51
CA PHE B 323 8.64 29.08 -5.27
C PHE B 323 9.63 28.68 -4.17
N SER B 324 10.12 29.68 -3.45
CA SER B 324 11.22 29.48 -2.51
C SER B 324 10.76 28.65 -1.31
N LYS B 325 11.75 28.17 -0.55
CA LYS B 325 11.46 27.37 0.64
C LYS B 325 10.68 28.18 1.67
N VAL B 326 11.10 29.41 1.93
CA VAL B 326 10.42 30.23 2.94
C VAL B 326 9.01 30.58 2.48
N ASP B 327 8.84 30.91 1.20
CA ASP B 327 7.51 31.23 0.69
C ASP B 327 6.61 29.99 0.76
N GLU B 328 7.15 28.82 0.42
CA GLU B 328 6.35 27.60 0.51
C GLU B 328 5.96 27.29 1.95
N GLU B 329 6.87 27.51 2.89
CA GLU B 329 6.54 27.31 4.29
C GLU B 329 5.45 28.28 4.74
N GLN B 330 5.55 29.53 4.32
CA GLN B 330 4.55 30.52 4.71
C GLN B 330 3.18 30.21 4.12
N MET B 331 3.14 29.77 2.86
CA MET B 331 1.89 29.50 2.17
C MET B 331 1.40 28.08 2.36
N LYS B 332 2.14 27.26 3.10
CA LYS B 332 1.83 25.84 3.24
C LYS B 332 0.55 25.66 4.07
N TYR B 333 -0.16 24.56 3.77
CA TYR B 333 -1.31 24.17 4.58
C TYR B 333 -0.87 23.89 6.00
N LYS B 334 -1.45 24.59 6.95
CA LYS B 334 -1.10 24.46 8.36
C LYS B 334 -2.18 23.67 9.09
N SER B 335 -1.78 22.58 9.73
CA SER B 335 -2.72 21.73 10.45
C SER B 335 -2.95 22.26 11.86
N GLU B 336 -4.14 21.98 12.39
CA GLU B 336 -4.46 22.40 13.75
C GLU B 336 -3.54 21.75 14.77
N GLY B 337 -3.23 20.49 14.57
CA GLY B 337 -2.35 19.77 15.47
C GLY B 337 -2.72 18.30 15.52
N LYS B 338 -2.16 17.61 16.51
CA LYS B 338 -2.49 16.21 16.72
C LYS B 338 -3.97 16.06 17.05
N CYS B 339 -4.63 15.11 16.38
CA CYS B 339 -6.06 14.92 16.59
C CYS B 339 -6.45 13.51 16.21
N PHE B 340 -7.56 13.06 16.78
CA PHE B 340 -8.23 11.81 16.40
C PHE B 340 -9.73 12.09 16.57
N SER B 341 -10.35 12.55 15.48
CA SER B 341 -11.69 13.13 15.53
C SER B 341 -12.62 12.36 14.61
N VAL B 342 -13.81 12.05 15.11
CA VAL B 342 -14.79 11.29 14.33
C VAL B 342 -15.55 12.25 13.42
N LEU B 343 -15.54 11.95 12.12
CA LEU B 343 -16.30 12.73 11.15
C LEU B 343 -17.72 12.21 10.96
N GLY B 344 -18.03 11.03 11.47
CA GLY B 344 -19.33 10.43 11.29
C GLY B 344 -19.22 8.93 11.21
N PHE B 345 -20.38 8.27 11.31
CA PHE B 345 -20.46 6.82 11.30
C PHE B 345 -21.23 6.36 10.07
N CYS B 346 -20.74 5.27 9.46
CA CYS B 346 -21.36 4.70 8.27
C CYS B 346 -21.40 3.19 8.39
N LYS B 347 -22.17 2.57 7.51
CA LYS B 347 -22.27 1.12 7.52
C LYS B 347 -20.92 0.49 7.17
N SER B 348 -20.66 -0.67 7.76
CA SER B 348 -19.40 -1.37 7.49
C SER B 348 -19.32 -1.86 6.06
N SER B 349 -20.47 -2.09 5.41
CA SER B 349 -20.48 -2.56 4.03
C SER B 349 -20.07 -1.47 3.04
N GLN B 350 -20.13 -0.20 3.44
CA GLN B 350 -19.76 0.90 2.57
C GLN B 350 -18.27 1.17 2.55
N VAL B 351 -17.50 0.61 3.47
CA VAL B 351 -16.05 0.76 3.51
C VAL B 351 -15.45 -0.55 3.03
N GLN B 352 -15.06 -0.59 1.77
CA GLN B 352 -14.50 -1.78 1.17
C GLN B 352 -13.04 -1.96 1.58
N ARG B 353 -12.65 -3.22 1.78
CA ARG B 353 -11.27 -3.51 2.20
C ARG B 353 -10.28 -3.20 1.09
N ARG B 354 -10.72 -3.23 -0.16
CA ARG B 354 -9.84 -2.96 -1.30
C ARG B 354 -9.42 -1.51 -1.39
N PHE B 355 -10.04 -0.60 -0.64
CA PHE B 355 -9.71 0.81 -0.67
C PHE B 355 -8.76 1.23 0.44
N PHE B 356 -8.31 0.30 1.29
CA PHE B 356 -7.43 0.65 2.38
C PHE B 356 -6.12 1.22 1.86
N MET B 357 -5.68 2.33 2.44
CA MET B 357 -4.46 3.01 2.06
C MET B 357 -3.49 3.02 3.23
N GLY B 358 -2.33 3.65 3.02
CA GLY B 358 -1.32 3.72 4.04
C GLY B 358 -0.46 2.48 4.10
N ASN B 359 0.49 2.51 5.05
CA ASN B 359 1.44 1.43 5.23
C ASN B 359 1.49 0.97 6.68
N GLN B 360 0.40 1.13 7.41
CA GLN B 360 0.37 0.74 8.81
C GLN B 360 -1.08 0.49 9.22
N VAL B 361 -1.23 -0.21 10.34
CA VAL B 361 -2.53 -0.47 10.95
C VAL B 361 -2.43 -0.11 12.43
N LEU B 362 -3.37 0.71 12.90
CA LEU B 362 -3.37 1.19 14.27
C LEU B 362 -4.50 0.53 15.04
N LYS B 363 -4.19 0.04 16.24
CA LYS B 363 -5.18 -0.47 17.17
C LYS B 363 -5.34 0.55 18.29
N VAL B 364 -6.55 1.02 18.49
CA VAL B 364 -6.83 2.11 19.42
C VAL B 364 -7.41 1.51 20.70
N PHE B 365 -6.68 1.65 21.80
CA PHE B 365 -7.13 1.25 23.12
C PHE B 365 -7.42 2.49 23.96
N ALA B 366 -8.10 2.27 25.07
CA ALA B 366 -8.30 3.35 26.01
C ALA B 366 -7.00 3.68 26.74
N ALA B 367 -6.98 4.85 27.37
CA ALA B 367 -5.80 5.27 28.11
C ALA B 367 -5.53 4.29 29.26
N ARG B 368 -4.25 4.06 29.53
CA ARG B 368 -3.87 3.12 30.58
C ARG B 368 -4.30 3.63 31.94
N ASP B 369 -4.80 2.71 32.77
CA ASP B 369 -5.26 3.03 34.13
C ASP B 369 -6.34 4.11 34.11
N ASP B 370 -7.26 4.01 33.15
CA ASP B 370 -8.37 4.96 33.00
C ASP B 370 -9.65 4.16 32.82
N GLU B 371 -10.32 3.85 33.92
CA GLU B 371 -11.52 3.03 33.86
C GLU B 371 -12.66 3.74 33.15
N ALA B 372 -12.79 5.06 33.34
CA ALA B 372 -13.84 5.81 32.66
C ALA B 372 -13.63 5.81 31.15
N ALA B 373 -12.38 6.05 30.71
CA ALA B 373 -12.08 5.99 29.30
C ALA B 373 -12.30 4.59 28.74
N ALA B 374 -11.95 3.57 29.52
CA ALA B 374 -12.18 2.19 29.09
C ALA B 374 -13.66 1.92 28.89
N VAL B 375 -14.49 2.37 29.84
CA VAL B 375 -15.93 2.16 29.73
C VAL B 375 -16.49 2.89 28.52
N ALA B 376 -16.07 4.15 28.30
CA ALA B 376 -16.57 4.90 27.17
C ALA B 376 -16.18 4.26 25.84
N LEU B 377 -14.91 3.85 25.71
CA LEU B 377 -14.47 3.23 24.48
C LEU B 377 -15.13 1.88 24.26
N SER B 378 -15.36 1.11 25.33
CA SER B 378 -16.06 -0.15 25.21
C SER B 378 -17.50 0.06 24.76
N SER B 379 -18.15 1.11 25.28
CA SER B 379 -19.50 1.42 24.84
C SER B 379 -19.52 1.77 23.35
N LEU B 380 -18.56 2.58 22.90
CA LEU B 380 -18.49 2.92 21.49
C LEU B 380 -18.27 1.69 20.63
N ILE B 381 -17.34 0.82 21.05
CA ILE B 381 -17.03 -0.38 20.28
C ILE B 381 -18.25 -1.29 20.20
N HIS B 382 -18.94 -1.49 21.33
CA HIS B 382 -20.11 -2.36 21.32
C HIS B 382 -21.24 -1.78 20.50
N ALA B 383 -21.43 -0.46 20.55
CA ALA B 383 -22.46 0.16 19.72
C ALA B 383 -22.15 -0.03 18.24
N LEU B 384 -20.88 0.18 17.85
CA LEU B 384 -20.51 -0.01 16.45
C LEU B 384 -20.69 -1.47 16.03
N ASP B 385 -20.31 -2.41 16.89
CA ASP B 385 -20.45 -3.83 16.56
C ASP B 385 -21.91 -4.22 16.43
N ASP B 386 -22.76 -3.76 17.35
CA ASP B 386 -24.18 -4.13 17.30
C ASP B 386 -24.89 -3.49 16.11
N LEU B 387 -24.53 -2.26 15.76
CA LEU B 387 -25.14 -1.58 14.63
C LEU B 387 -24.50 -1.95 13.30
N ASP B 388 -23.45 -2.77 13.31
CA ASP B 388 -22.72 -3.14 12.10
C ASP B 388 -22.23 -1.89 11.36
N MET B 389 -21.73 -0.92 12.12
CA MET B 389 -21.29 0.35 11.57
C MET B 389 -19.83 0.59 11.94
N VAL B 390 -19.21 1.50 11.19
CA VAL B 390 -17.81 1.86 11.40
C VAL B 390 -17.72 3.38 11.52
N ALA B 391 -16.59 3.84 12.05
CA ALA B 391 -16.37 5.26 12.28
C ALA B 391 -15.36 5.78 11.27
N ILE B 392 -15.71 6.88 10.61
CA ILE B 392 -14.79 7.59 9.71
C ILE B 392 -14.16 8.71 10.51
N VAL B 393 -12.83 8.66 10.67
CA VAL B 393 -12.14 9.55 11.59
C VAL B 393 -11.07 10.33 10.86
N ARG B 394 -10.71 11.47 11.44
CA ARG B 394 -9.60 12.28 10.99
C ARG B 394 -8.40 11.98 11.88
N TYR B 395 -7.31 11.52 11.27
CA TYR B 395 -6.10 11.13 12.00
C TYR B 395 -4.95 12.02 11.57
N ALA B 396 -4.29 12.63 12.54
CA ALA B 396 -3.10 13.44 12.30
C ALA B 396 -2.09 13.11 13.38
N TYR B 397 -0.93 12.58 12.98
CA TYR B 397 0.07 12.14 13.96
C TYR B 397 0.58 13.33 14.76
N ASP B 398 0.84 14.46 14.11
CA ASP B 398 1.31 15.65 14.79
C ASP B 398 0.96 16.86 13.93
N LYS B 399 1.30 18.06 14.43
CA LYS B 399 0.97 19.28 13.73
C LYS B 399 1.76 19.45 12.44
N ARG B 400 2.88 18.75 12.29
CA ARG B 400 3.67 18.77 11.07
C ARG B 400 3.35 17.60 10.15
N ALA B 401 2.36 16.79 10.51
CA ALA B 401 1.99 15.60 9.75
C ALA B 401 0.77 15.89 8.88
N ASN B 402 0.74 15.28 7.70
CA ASN B 402 -0.38 15.45 6.80
C ASN B 402 -1.61 14.75 7.36
N PRO B 403 -2.74 15.44 7.53
CA PRO B 403 -3.93 14.79 8.05
C PRO B 403 -4.44 13.71 7.10
N GLN B 404 -5.04 12.67 7.69
CA GLN B 404 -5.58 11.55 6.94
C GLN B 404 -7.02 11.31 7.34
N VAL B 405 -7.76 10.65 6.46
CA VAL B 405 -9.11 10.18 6.74
C VAL B 405 -9.09 8.66 6.65
N GLY B 406 -9.65 8.00 7.67
CA GLY B 406 -9.61 6.56 7.73
C GLY B 406 -10.82 5.99 8.44
N VAL B 407 -10.82 4.67 8.57
CA VAL B 407 -11.92 3.94 9.17
C VAL B 407 -11.44 3.31 10.47
N ALA B 408 -12.28 3.37 11.50
CA ALA B 408 -11.99 2.78 12.80
C ALA B 408 -13.10 1.76 13.09
N PHE B 409 -12.86 0.50 12.71
CA PHE B 409 -13.89 -0.49 12.94
C PHE B 409 -13.62 -1.27 14.22
N PRO B 410 -14.67 -1.72 14.90
CA PRO B 410 -14.48 -2.40 16.19
C PRO B 410 -13.76 -3.73 16.03
N HIS B 411 -13.06 -4.11 17.09
CA HIS B 411 -12.34 -5.39 17.14
C HIS B 411 -12.50 -5.95 18.55
N ILE B 412 -13.37 -6.94 18.69
CA ILE B 412 -13.73 -7.51 19.99
C ILE B 412 -13.12 -8.90 20.07
N LYS B 413 -12.35 -9.15 21.12
CA LYS B 413 -11.77 -10.46 21.40
C LYS B 413 -12.23 -10.92 22.78
N HIS B 414 -11.71 -12.07 23.22
CA HIS B 414 -12.06 -12.62 24.52
C HIS B 414 -11.29 -12.01 25.67
N ASN B 415 -10.26 -11.22 25.39
CA ASN B 415 -9.44 -10.63 26.44
C ASN B 415 -9.20 -9.13 26.28
N TYR B 416 -9.57 -8.53 25.15
CA TYR B 416 -9.39 -7.10 24.96
C TYR B 416 -10.34 -6.62 23.88
N GLU B 417 -10.58 -5.31 23.88
CA GLU B 417 -11.38 -4.65 22.85
C GLU B 417 -10.67 -3.39 22.40
N CYS B 418 -10.80 -3.09 21.10
CA CYS B 418 -10.08 -1.96 20.53
C CYS B 418 -10.74 -1.57 19.21
N LEU B 419 -10.37 -0.38 18.74
CA LEU B 419 -10.74 0.08 17.41
C LEU B 419 -9.52 0.01 16.50
N VAL B 420 -9.69 -0.60 15.33
CA VAL B 420 -8.61 -0.77 14.37
C VAL B 420 -8.72 0.34 13.33
N TYR B 421 -7.68 1.16 13.21
CA TYR B 421 -7.66 2.28 12.29
C TYR B 421 -6.84 1.94 11.06
N VAL B 422 -7.44 2.09 9.89
CA VAL B 422 -6.75 1.93 8.61
C VAL B 422 -7.08 3.15 7.75
N GLN B 423 -6.07 3.75 7.15
CA GLN B 423 -6.26 4.96 6.38
C GLN B 423 -7.08 4.69 5.12
N LEU B 424 -7.98 5.63 4.80
CA LEU B 424 -8.85 5.57 3.65
C LEU B 424 -8.38 6.53 2.56
N PRO B 425 -8.68 6.27 1.30
CA PRO B 425 -8.14 7.10 0.22
C PRO B 425 -8.82 8.45 0.13
N PHE B 426 -8.12 9.38 -0.52
CA PHE B 426 -8.69 10.67 -0.86
C PHE B 426 -9.27 10.60 -2.26
N MET B 427 -9.78 11.73 -2.75
CA MET B 427 -10.32 11.77 -4.11
C MET B 427 -9.21 11.58 -5.14
N GLU B 428 -8.03 12.14 -4.89
CA GLU B 428 -6.94 12.06 -5.85
C GLU B 428 -6.29 10.69 -5.90
N ASP B 429 -6.44 9.87 -4.86
CA ASP B 429 -5.77 8.59 -4.82
C ASP B 429 -6.43 7.56 -5.74
N LEU B 430 -7.73 7.70 -5.98
CA LEU B 430 -8.44 6.72 -6.77
C LEU B 430 -8.05 6.80 -8.24
N ARG B 431 -7.91 5.63 -8.88
CA ARG B 431 -7.63 5.53 -10.30
C ARG B 431 -8.86 5.00 -11.01
N GLN B 432 -9.29 5.70 -12.05
CA GLN B 432 -10.52 5.35 -12.78
C GLN B 432 -10.12 4.64 -14.07
N TYR B 433 -9.95 3.32 -13.96
CA TYR B 433 -9.51 2.49 -15.07
C TYR B 433 -10.67 1.64 -15.57
N MET B 434 -10.82 1.56 -16.89
CA MET B 434 -11.84 0.72 -17.52
C MET B 434 -11.22 -0.60 -17.94
N PHE B 435 -11.86 -1.70 -17.55
CA PHE B 435 -11.42 -3.04 -17.93
C PHE B 435 -12.57 -3.76 -18.61
N SER B 436 -12.25 -4.47 -19.69
CA SER B 436 -13.27 -5.19 -20.45
C SER B 436 -13.91 -6.28 -19.60
N SER B 437 -15.21 -6.44 -19.75
CA SER B 437 -15.93 -7.46 -18.99
C SER B 437 -15.51 -8.86 -19.41
N LEU B 438 -15.40 -9.74 -18.44
CA LEU B 438 -15.01 -11.13 -18.68
C LEU B 438 -16.20 -12.08 -18.78
N LYS B 439 -17.22 -11.88 -17.95
CA LYS B 439 -18.41 -12.73 -18.01
C LYS B 439 -19.17 -12.52 -19.32
N ASN B 440 -19.24 -11.28 -19.79
CA ASN B 440 -19.96 -10.98 -21.02
C ASN B 440 -19.16 -11.28 -22.28
N SER B 441 -17.88 -11.63 -22.14
CA SER B 441 -17.06 -11.93 -23.31
C SER B 441 -17.52 -13.23 -23.96
N LYS B 442 -17.48 -13.26 -25.29
CA LYS B 442 -17.87 -14.43 -26.06
C LYS B 442 -16.68 -15.31 -26.43
N LYS B 443 -15.53 -14.72 -26.73
CA LYS B 443 -14.35 -15.51 -27.09
C LYS B 443 -13.57 -15.99 -25.88
N TYR B 444 -13.91 -15.51 -24.68
CA TYR B 444 -13.26 -15.92 -23.44
C TYR B 444 -14.25 -16.57 -22.50
N ALA B 445 -15.14 -17.40 -23.04
CA ALA B 445 -16.16 -18.05 -22.23
C ALA B 445 -15.76 -19.50 -21.99
N PRO B 446 -15.40 -19.89 -20.77
CA PRO B 446 -15.06 -21.29 -20.52
C PRO B 446 -16.26 -22.20 -20.70
N THR B 447 -15.97 -23.44 -21.13
CA THR B 447 -17.01 -24.43 -21.34
C THR B 447 -17.32 -25.15 -20.02
N GLU B 448 -18.32 -26.04 -20.07
CA GLU B 448 -18.69 -26.76 -18.85
C GLU B 448 -17.60 -27.72 -18.40
N ALA B 449 -16.89 -28.34 -19.35
CA ALA B 449 -15.79 -29.22 -18.99
C ALA B 449 -14.66 -28.44 -18.32
N GLN B 450 -14.32 -27.27 -18.86
CA GLN B 450 -13.29 -26.44 -18.24
C GLN B 450 -13.72 -25.97 -16.86
N LEU B 451 -14.99 -25.59 -16.71
CA LEU B 451 -15.49 -25.17 -15.41
C LEU B 451 -15.42 -26.32 -14.40
N ASN B 452 -15.77 -27.53 -14.82
CA ASN B 452 -15.68 -28.69 -13.93
C ASN B 452 -14.24 -28.98 -13.55
N ALA B 453 -13.31 -28.87 -14.50
CA ALA B 453 -11.90 -29.10 -14.20
C ALA B 453 -11.39 -28.08 -13.19
N VAL B 454 -11.76 -26.81 -13.37
CA VAL B 454 -11.34 -25.79 -12.42
C VAL B 454 -11.98 -26.03 -11.05
N ASP B 455 -13.23 -26.50 -11.03
CA ASP B 455 -13.90 -26.84 -9.78
C ASP B 455 -13.15 -27.93 -9.05
N ALA B 456 -12.75 -28.97 -9.77
CA ALA B 456 -11.96 -30.05 -9.17
C ALA B 456 -10.62 -29.55 -8.66
N LEU B 457 -10.00 -28.63 -9.40
CA LEU B 457 -8.73 -28.06 -8.95
C LEU B 457 -8.90 -27.28 -7.65
N ILE B 458 -9.98 -26.48 -7.56
CA ILE B 458 -10.26 -25.74 -6.34
C ILE B 458 -10.47 -26.69 -5.17
N ASP B 459 -11.23 -27.77 -5.41
CA ASP B 459 -11.48 -28.73 -4.33
C ASP B 459 -10.18 -29.41 -3.90
N SER B 460 -9.31 -29.76 -4.84
CA SER B 460 -8.09 -30.48 -4.51
C SER B 460 -7.09 -29.58 -3.78
N MET B 461 -6.95 -28.33 -4.21
CA MET B 461 -5.94 -27.43 -3.65
C MET B 461 -6.45 -26.66 -2.44
N SER B 462 -7.45 -27.18 -1.73
CA SER B 462 -7.95 -26.50 -0.55
C SER B 462 -6.88 -26.43 0.54
N LEU B 463 -6.69 -25.23 1.09
CA LEU B 463 -5.69 -25.01 2.13
C LEU B 463 -6.30 -24.95 3.53
N ALA B 464 -7.58 -25.30 3.67
CA ALA B 464 -8.25 -25.31 4.96
C ALA B 464 -9.03 -26.60 5.10
N LYS B 465 -9.01 -27.17 6.30
CA LYS B 465 -9.70 -28.41 6.60
C LYS B 465 -10.84 -28.13 7.57
N LYS B 466 -12.04 -28.57 7.22
CA LYS B 466 -13.20 -28.41 8.07
C LYS B 466 -13.21 -29.52 9.12
N ASP B 467 -13.00 -29.14 10.38
CA ASP B 467 -12.94 -30.13 11.45
C ASP B 467 -14.28 -30.81 11.63
N GLU B 468 -14.24 -32.10 11.95
CA GLU B 468 -15.46 -32.85 12.20
C GLU B 468 -16.03 -32.47 13.58
N LYS B 469 -17.35 -32.63 13.70
CA LYS B 469 -18.13 -32.37 14.91
C LYS B 469 -18.00 -30.93 15.41
N THR B 470 -17.35 -30.05 14.65
CA THR B 470 -17.18 -28.66 15.03
C THR B 470 -17.26 -27.81 13.78
N ASP B 471 -17.76 -26.58 13.94
CA ASP B 471 -17.95 -25.66 12.82
C ASP B 471 -16.81 -24.66 12.70
N THR B 472 -15.58 -25.07 13.00
CA THR B 472 -14.41 -24.22 12.89
C THR B 472 -13.51 -24.73 11.77
N LEU B 473 -12.96 -23.80 11.00
CA LEU B 473 -12.06 -24.11 9.89
C LEU B 473 -10.63 -24.03 10.37
N GLU B 474 -9.85 -25.09 10.10
CA GLU B 474 -8.45 -25.16 10.47
C GLU B 474 -7.58 -24.80 9.28
N ASP B 475 -6.66 -23.87 9.48
CA ASP B 475 -5.78 -23.43 8.41
C ASP B 475 -4.60 -24.38 8.29
N LEU B 476 -4.45 -24.98 7.10
CA LEU B 476 -3.34 -25.88 6.84
C LEU B 476 -2.07 -25.16 6.42
N PHE B 477 -2.15 -23.85 6.16
CA PHE B 477 -0.99 -23.07 5.73
C PHE B 477 -1.14 -21.64 6.25
N PRO B 478 -0.97 -21.44 7.56
CA PRO B 478 -1.12 -20.09 8.13
C PRO B 478 0.12 -19.23 7.87
N THR B 479 0.17 -18.60 6.70
CA THR B 479 1.36 -17.84 6.31
C THR B 479 1.62 -16.64 7.21
N THR B 480 0.59 -16.15 7.91
CA THR B 480 0.78 -14.98 8.78
C THR B 480 1.66 -15.29 10.00
N LYS B 481 1.89 -16.56 10.30
CA LYS B 481 2.79 -16.94 11.38
C LYS B 481 4.19 -17.26 10.89
N ILE B 482 4.40 -17.28 9.58
CA ILE B 482 5.73 -17.56 9.04
C ILE B 482 6.57 -16.28 9.09
N PRO B 483 7.78 -16.32 9.64
CA PRO B 483 8.63 -15.13 9.63
C PRO B 483 9.12 -14.83 8.22
N ASN B 484 9.57 -13.59 8.04
CA ASN B 484 10.06 -13.15 6.74
C ASN B 484 11.34 -13.90 6.40
N PRO B 485 11.39 -14.66 5.31
CA PRO B 485 12.61 -15.42 5.00
C PRO B 485 13.82 -14.55 4.69
N ARG B 486 13.61 -13.29 4.31
CA ARG B 486 14.73 -12.45 3.90
C ARG B 486 15.68 -12.18 5.05
N PHE B 487 15.14 -12.00 6.26
CA PHE B 487 16.00 -11.72 7.42
C PHE B 487 16.86 -12.93 7.76
N GLN B 488 16.27 -14.12 7.77
CA GLN B 488 17.05 -15.32 8.05
C GLN B 488 18.09 -15.57 6.96
N ARG B 489 17.72 -15.35 5.70
CA ARG B 489 18.69 -15.54 4.62
C ARG B 489 19.85 -14.55 4.74
N LEU B 490 19.55 -13.29 5.05
CA LEU B 490 20.60 -12.29 5.23
C LEU B 490 21.50 -12.65 6.40
N PHE B 491 20.91 -13.10 7.51
CA PHE B 491 21.72 -13.46 8.67
C PHE B 491 22.61 -14.66 8.35
N GLN B 492 22.08 -15.64 7.63
CA GLN B 492 22.89 -16.79 7.24
C GLN B 492 24.05 -16.38 6.36
N CYS B 493 23.78 -15.52 5.37
CA CYS B 493 24.85 -15.07 4.47
C CYS B 493 25.90 -14.28 5.22
N LEU B 494 25.48 -13.38 6.12
CA LEU B 494 26.43 -12.59 6.88
C LEU B 494 27.29 -13.46 7.78
N LEU B 495 26.67 -14.44 8.46
CA LEU B 495 27.44 -15.34 9.32
C LEU B 495 28.41 -16.18 8.51
N HIS B 496 27.97 -16.67 7.34
CA HIS B 496 28.87 -17.46 6.50
C HIS B 496 30.05 -16.62 6.02
N ARG B 497 29.81 -15.37 5.64
CA ARG B 497 30.91 -14.52 5.21
C ARG B 497 31.85 -14.20 6.37
N ALA B 498 31.29 -14.00 7.57
CA ALA B 498 32.13 -13.70 8.72
C ALA B 498 33.01 -14.87 9.10
N LEU B 499 32.46 -16.10 9.05
CA LEU B 499 33.23 -17.26 9.49
C LEU B 499 34.18 -17.76 8.40
N HIS B 500 33.77 -17.70 7.13
CA HIS B 500 34.57 -18.15 6.00
C HIS B 500 34.67 -16.98 5.02
N PRO B 501 35.63 -16.08 5.23
CA PRO B 501 35.68 -14.85 4.41
C PRO B 501 36.00 -15.09 2.94
N ARG B 502 36.54 -16.26 2.58
CA ARG B 502 37.02 -16.50 1.22
C ARG B 502 36.19 -17.55 0.50
N GLU B 503 34.91 -17.67 0.84
CA GLU B 503 34.04 -18.64 0.19
C GLU B 503 32.77 -17.98 -0.33
N PRO B 504 32.18 -18.50 -1.40
CA PRO B 504 30.95 -17.91 -1.91
C PRO B 504 29.77 -18.14 -0.97
N LEU B 505 28.73 -17.34 -1.18
CA LEU B 505 27.56 -17.40 -0.32
C LEU B 505 26.88 -18.77 -0.43
N PRO B 506 26.40 -19.32 0.68
CA PRO B 506 25.74 -20.64 0.62
C PRO B 506 24.36 -20.52 0.01
N PRO B 507 23.79 -21.63 -0.47
CA PRO B 507 22.45 -21.59 -1.05
C PRO B 507 21.38 -21.43 0.03
N ILE B 508 20.16 -21.17 -0.43
CA ILE B 508 19.04 -21.01 0.48
C ILE B 508 18.79 -22.31 1.23
N GLN B 509 18.47 -22.20 2.52
CA GLN B 509 18.34 -23.37 3.37
C GLN B 509 17.09 -24.17 3.04
N GLN B 510 17.22 -25.50 3.16
CA GLN B 510 16.12 -26.39 2.80
C GLN B 510 14.90 -26.15 3.67
N HIS B 511 15.10 -25.92 4.97
CA HIS B 511 13.96 -25.67 5.84
C HIS B 511 13.31 -24.33 5.54
N ILE B 512 14.09 -23.34 5.09
CA ILE B 512 13.50 -22.09 4.60
C ILE B 512 12.57 -22.38 3.43
N TRP B 513 13.05 -23.13 2.45
CA TRP B 513 12.21 -23.48 1.30
C TRP B 513 10.99 -24.27 1.73
N ASN B 514 11.15 -25.16 2.72
CA ASN B 514 10.05 -25.98 3.19
C ASN B 514 8.96 -25.13 3.86
N MET B 515 9.34 -24.16 4.69
CA MET B 515 8.29 -23.35 5.30
C MET B 515 7.65 -22.45 4.26
N LEU B 516 8.39 -22.05 3.23
CA LEU B 516 7.81 -21.24 2.17
C LEU B 516 6.97 -22.05 1.20
N ASN B 517 7.06 -23.38 1.23
CA ASN B 517 6.31 -24.22 0.30
C ASN B 517 5.02 -24.72 0.93
N PRO B 518 4.00 -25.01 0.12
CA PRO B 518 2.73 -25.50 0.65
C PRO B 518 2.85 -26.93 1.14
N PRO B 519 1.85 -27.42 1.89
CA PRO B 519 1.95 -28.78 2.44
C PRO B 519 2.05 -29.84 1.33
N ALA B 520 2.81 -30.89 1.64
CA ALA B 520 3.01 -31.98 0.69
C ALA B 520 1.71 -32.71 0.41
N GLU B 521 0.79 -32.76 1.38
CA GLU B 521 -0.50 -33.36 1.13
C GLU B 521 -1.26 -32.62 0.04
N VAL B 522 -1.27 -31.28 0.12
CA VAL B 522 -1.92 -30.48 -0.91
C VAL B 522 -1.21 -30.66 -2.24
N THR B 523 0.13 -30.66 -2.23
CA THR B 523 0.88 -30.82 -3.47
C THR B 523 0.57 -32.15 -4.14
N THR B 524 0.50 -33.23 -3.36
CA THR B 524 0.18 -34.53 -3.93
C THR B 524 -1.26 -34.59 -4.42
N LYS B 525 -2.19 -34.02 -3.66
CA LYS B 525 -3.59 -34.05 -4.05
C LYS B 525 -3.84 -33.25 -5.32
N SER B 526 -3.05 -32.21 -5.58
CA SER B 526 -3.26 -31.34 -6.72
C SER B 526 -2.66 -31.89 -8.02
N GLN B 527 -2.36 -33.18 -8.10
CA GLN B 527 -1.67 -33.69 -9.28
C GLN B 527 -2.63 -33.91 -10.45
N ILE B 528 -3.61 -34.80 -10.27
CA ILE B 528 -4.53 -35.11 -11.37
C ILE B 528 -5.34 -33.90 -11.83
N PRO B 529 -5.93 -33.08 -10.93
CA PRO B 529 -6.65 -31.90 -11.42
C PRO B 529 -5.77 -30.95 -12.23
N LEU B 530 -4.49 -30.81 -11.87
CA LEU B 530 -3.60 -29.97 -12.66
C LEU B 530 -3.38 -30.56 -14.05
N SER B 531 -3.29 -31.89 -14.14
CA SER B 531 -3.18 -32.52 -15.45
C SER B 531 -4.43 -32.27 -16.28
N LYS B 532 -5.60 -32.33 -15.66
CA LYS B 532 -6.84 -32.03 -16.38
C LYS B 532 -6.87 -30.58 -16.85
N ILE B 533 -6.41 -29.66 -16.00
CA ILE B 533 -6.32 -28.25 -16.40
C ILE B 533 -5.39 -28.09 -17.60
N LYS B 534 -4.24 -28.76 -17.56
CA LYS B 534 -3.29 -28.66 -18.65
C LYS B 534 -3.87 -29.21 -19.95
N THR B 535 -4.58 -30.33 -19.88
CA THR B 535 -5.11 -30.94 -21.10
C THR B 535 -6.39 -30.28 -21.58
N LEU B 536 -7.04 -29.47 -20.75
CA LEU B 536 -8.28 -28.82 -21.17
C LEU B 536 -8.11 -27.35 -21.51
N PHE B 537 -7.04 -26.69 -21.04
CA PHE B 537 -6.82 -25.28 -21.32
C PHE B 537 -5.63 -25.12 -22.26
N PRO B 538 -5.85 -24.84 -23.54
CA PRO B 538 -4.74 -24.70 -24.50
C PRO B 538 -3.98 -23.38 -24.37
N LEU B 539 -3.03 -23.36 -23.46
CA LEU B 539 -2.18 -22.19 -23.24
C LEU B 539 -0.98 -22.26 -24.17
N ILE B 540 -0.90 -21.32 -25.10
CA ILE B 540 0.23 -21.20 -26.02
C ILE B 540 0.80 -19.79 -25.90
N GLU B 541 2.12 -19.69 -25.91
CA GLU B 541 2.77 -18.39 -25.76
C GLU B 541 2.84 -17.69 -27.10
N ALA B 542 2.46 -16.41 -27.11
CA ALA B 542 2.44 -15.64 -28.34
C ALA B 542 3.85 -15.32 -28.80
N LYS B 543 4.13 -15.58 -30.08
CA LYS B 543 5.47 -15.31 -30.61
C LYS B 543 5.76 -13.82 -30.62
N LYS B 544 6.97 -13.47 -30.22
CA LYS B 544 7.38 -12.07 -30.14
C LYS B 544 8.26 -11.67 -31.32
N CYS C 180 -20.79 9.03 -24.97
CA CYS C 180 -20.73 8.16 -23.80
C CYS C 180 -21.21 8.89 -22.56
N PRO C 181 -22.20 8.31 -21.87
CA PRO C 181 -22.72 8.96 -20.65
C PRO C 181 -21.74 8.87 -19.50
N GLY C 182 -21.81 9.87 -18.63
CA GLY C 182 -20.89 9.94 -17.50
C GLY C 182 -19.44 10.05 -17.91
N GLU C 183 -19.15 10.85 -18.93
CA GLU C 183 -17.79 11.02 -19.44
C GLU C 183 -17.35 12.46 -19.24
N SER C 184 -16.15 12.65 -18.72
CA SER C 184 -15.63 13.98 -18.50
C SER C 184 -15.39 14.70 -19.82
N LEU C 185 -15.71 15.99 -19.85
CA LEU C 185 -15.49 16.81 -21.04
C LEU C 185 -14.09 17.41 -21.07
N ILE C 186 -13.31 17.28 -20.00
CA ILE C 186 -11.96 17.80 -19.94
C ILE C 186 -10.94 16.75 -20.36
N ASN C 187 -11.04 15.55 -19.80
CA ASN C 187 -10.16 14.44 -20.15
C ASN C 187 -10.99 13.27 -20.66
N PRO C 188 -11.14 13.14 -21.98
CA PRO C 188 -11.92 12.01 -22.52
C PRO C 188 -11.27 10.68 -22.20
N GLY C 189 -12.11 9.65 -22.12
CA GLY C 189 -11.67 8.32 -21.73
C GLY C 189 -11.79 8.05 -20.25
N PHE C 190 -12.07 9.06 -19.43
CA PHE C 190 -12.20 8.91 -17.99
C PHE C 190 -13.50 9.56 -17.54
N LYS C 191 -14.19 8.90 -16.62
CA LYS C 191 -15.49 9.41 -16.17
C LYS C 191 -15.33 10.73 -15.42
N SER C 192 -16.37 11.55 -15.48
CA SER C 192 -16.36 12.82 -14.75
C SER C 192 -16.30 12.58 -13.26
N LYS C 193 -15.58 13.46 -12.56
CA LYS C 193 -15.41 13.35 -11.12
C LYS C 193 -16.51 14.14 -10.41
N LYS C 194 -17.34 13.43 -9.66
CA LYS C 194 -18.37 14.09 -8.88
C LYS C 194 -17.73 14.93 -7.77
N PRO C 195 -18.28 16.10 -7.47
CA PRO C 195 -17.70 16.92 -6.39
C PRO C 195 -17.73 16.19 -5.06
N ALA C 196 -16.72 16.46 -4.24
CA ALA C 196 -16.54 15.69 -3.00
C ALA C 196 -17.76 15.79 -2.10
N GLY C 197 -18.09 16.98 -1.64
CA GLY C 197 -19.22 17.16 -0.74
C GLY C 197 -18.89 16.98 0.73
N GLY C 198 -18.14 15.94 1.06
CA GLY C 198 -17.72 15.72 2.43
C GLY C 198 -18.69 14.83 3.17
N VAL C 199 -19.05 15.24 4.38
CA VAL C 199 -19.95 14.49 5.24
C VAL C 199 -21.30 15.21 5.27
N ASP C 200 -22.35 14.50 4.86
CA ASP C 200 -23.71 15.03 4.87
C ASP C 200 -24.56 14.08 5.68
N PHE C 201 -25.00 14.53 6.86
CA PHE C 201 -25.78 13.67 7.75
C PHE C 201 -27.17 13.42 7.17
N ASP C 202 -27.63 12.19 7.30
CA ASP C 202 -28.95 11.81 6.78
C ASP C 202 -30.07 12.42 7.61
P PO4 F . -4.03 -14.81 17.36
O1 PO4 F . -2.77 -15.12 18.13
O2 PO4 F . -5.19 -14.71 18.31
O3 PO4 F . -4.29 -15.91 16.36
O4 PO4 F . -3.85 -13.50 16.63
#